data_9EE9
#
_entry.id   9EE9
#
_cell.length_a   1.00
_cell.length_b   1.00
_cell.length_c   1.00
_cell.angle_alpha   90.00
_cell.angle_beta   90.00
_cell.angle_gamma   90.00
#
_symmetry.space_group_name_H-M   'P 1'
#
loop_
_entity.id
_entity.type
_entity.pdbx_description
1 polymer 'Adenosine receptor A2a'
2 polymer 'Guanine nucleotide-binding protein G(I)/G(S)/G(T) subunit beta-1'
3 polymer 'Guanine nucleotide-binding protein G(I)/G(S)/G(O) subunit gamma-2'
4 polymer 'Guanine nucleotide-binding protein G(s) subunit alpha isoforms short'
5 polymer 'nanobody Nb35'
6 non-polymer ADENOSINE
#
loop_
_entity_poly.entity_id
_entity_poly.type
_entity_poly.pdbx_seq_one_letter_code
_entity_poly.pdbx_strand_id
1 'polypeptide(L)'
;DYKDDDDKSNNNNNNNNNLGENLYFQGAPIMGSSVYITVELAIAVLAILGNVLVCWAVWLNSNLQNVTNYFVVSLAAADI
AVGVLAIPFAITISTGFCAACHGCLFIACFVLVLTQSSIFSLLAIAIDRYIAIRIPLRYNGLVTGTRAKGIIAICWVLSF
AIGLTPMLGWNNCGQPKEGKNHSQGCGEGQVACLFEDVVPMNYMVYFNFFACVLVPLLLMLGVYLRIFLAARRQLKQMES
QPLPGERARSTLQKECHAAKSLAIIVGLFALCWLPLHIINCFTFFCPDCSHAPLWLMYLAIVLSHTNSVVNPFIYAYAIR
EFRQTFRKIIRSHVLRQQEPFKAHHHHHHHHHH
;
A
2 'polypeptide(L)'
;GPGSSGSELDQLRQEAEQLKNQIRDARKACADATLSQITNNIDPVGRIQMRTRRTLRGHLAKIYAMHWGTDSRLLVSASQ
DGKLIIWDSYTTNKVHAIPLRSSWVMTCAYAPSGNYVACGGLDNICSIYNLKTREGNVRVSRELAGHTGYLSCCRFLDDN
QIVTSSGDTTCALWDIETGQQTTTFTGHTGDVMSLSLAPDTRLFVSGACDASAKLWDVREGMCRQTFTGHESDINAICFF
PNGNAFATGSDDATCRLFDLRADQELMTYSHDNIICGITSVSFSKSGRLLLAGYDDFNCNVWDALKADRAGVLAGHDNRV
SCLGVTDDGMAVATGSWDSFLKIWN
;
B
3 'polypeptide(L)' MASNNTASIAQARKLVEQLKMEANIDRIKVSKAAADLMAYCEAHAKEDPLLTPVPASENPFREKKFFCAIL C
4 'polypeptide(L)'
;MGHHHHHHENLYFQGNSKTEDQRNEEKAQREANKKIEKQLQKDKQVYRATHRLLLLGADNSGKSTIVKQMRILHGGSGGS
GGTSGIFETKFQVDKVNFHMFDVGGQRDERRKWIQCFNDVTAIIFVVDSSDYNRLQEALNLFKSIWNNRWLRTISVILFL
NKQDLLAEKVLAGKSKIEDYFPEFARYTTPEDATPEPGEDPRVTRAKYFIRDEFLRISTASGDGRHYCYPHFTCAVDTEN
ARRIFNDCRDIIQRMHLRQYELL
;
D
5 'polypeptide(L)'
;MKYLLPTAAAGLLLLAAQPAMAQVQLQESGGGLVQPGGSLRLSCAASGFTFSNYKMNWVRQAPGKGLEWVSDISQSGASI
SYTGSVKGRFTISRDNAKNTLYLQMNSLKPEDTAVYYCARCPAPFTRDCFDVTSTTYAYRGQGTQVTVSSHHHHHH
;
E
#
loop_
_chem_comp.id
_chem_comp.type
_chem_comp.name
_chem_comp.formula
ADN non-polymer ADENOSINE 'C10 H13 N5 O4'
#
# COMPACT_ATOMS: atom_id res chain seq x y z
N GLY A 32 63.03 8.95 12.19
CA GLY A 32 62.71 7.88 13.12
C GLY A 32 61.36 8.05 13.78
N SER A 33 60.41 7.21 13.38
CA SER A 33 59.05 7.26 13.92
C SER A 33 58.14 6.29 13.18
N SER A 34 58.01 6.45 11.87
CA SER A 34 57.13 5.62 11.06
C SER A 34 55.71 5.61 11.65
N VAL A 35 55.24 6.80 12.00
CA VAL A 35 53.92 6.94 12.62
C VAL A 35 52.79 6.61 11.66
N TYR A 36 53.09 6.42 10.38
CA TYR A 36 52.05 6.04 9.43
C TYR A 36 51.36 4.74 9.84
N ILE A 37 52.04 3.90 10.62
CA ILE A 37 51.43 2.69 11.13
C ILE A 37 50.20 3.04 11.97
N THR A 38 50.28 4.11 12.77
CA THR A 38 49.13 4.53 13.56
C THR A 38 47.96 4.91 12.67
N VAL A 39 48.24 5.61 11.56
CA VAL A 39 47.18 5.94 10.61
C VAL A 39 46.59 4.66 10.03
N GLU A 40 47.42 3.65 9.79
CA GLU A 40 46.91 2.37 9.29
C GLU A 40 45.96 1.73 10.31
N LEU A 41 46.33 1.76 11.59
CA LEU A 41 45.45 1.20 12.61
C LEU A 41 44.14 1.97 12.67
N ALA A 42 44.20 3.29 12.58
CA ALA A 42 42.99 4.10 12.58
C ALA A 42 42.10 3.73 11.41
N ILE A 43 42.69 3.58 10.22
CA ILE A 43 41.94 3.20 9.04
C ILE A 43 41.25 1.86 9.26
N ALA A 44 42.00 0.90 9.82
CA ALA A 44 41.43 -0.43 10.05
C ALA A 44 40.23 -0.35 10.98
N VAL A 45 40.38 0.35 12.11
CA VAL A 45 39.28 0.40 13.08
C VAL A 45 38.06 1.09 12.48
N LEU A 46 38.28 2.20 11.77
CA LEU A 46 37.15 2.89 11.15
C LEU A 46 36.44 2.01 10.12
N ALA A 47 37.22 1.29 9.30
CA ALA A 47 36.61 0.41 8.31
C ALA A 47 35.78 -0.67 8.99
N ILE A 48 36.32 -1.30 10.03
CA ILE A 48 35.57 -2.35 10.73
C ILE A 48 34.29 -1.77 11.31
N LEU A 49 34.38 -0.61 11.95
CA LEU A 49 33.19 0.00 12.54
C LEU A 49 32.12 0.26 11.49
N GLY A 50 32.49 0.91 10.39
CA GLY A 50 31.51 1.20 9.35
C GLY A 50 30.89 -0.05 8.77
N ASN A 51 31.70 -1.07 8.53
CA ASN A 51 31.19 -2.28 7.90
C ASN A 51 30.25 -3.03 8.84
N VAL A 52 30.58 -3.11 10.13
CA VAL A 52 29.66 -3.76 11.05
C VAL A 52 28.37 -2.95 11.18
N LEU A 53 28.49 -1.62 11.13
CA LEU A 53 27.29 -0.79 11.10
C LEU A 53 26.38 -1.17 9.95
N VAL A 54 26.92 -1.22 8.74
CA VAL A 54 26.08 -1.52 7.58
C VAL A 54 25.51 -2.94 7.67
N CYS A 55 26.32 -3.90 8.14
CA CYS A 55 25.84 -5.27 8.23
C CYS A 55 24.69 -5.40 9.21
N TRP A 56 24.81 -4.79 10.39
CA TRP A 56 23.72 -4.86 11.35
C TRP A 56 22.51 -4.06 10.87
N ALA A 57 22.74 -2.99 10.12
CA ALA A 57 21.61 -2.28 9.51
C ALA A 57 20.86 -3.20 8.56
N VAL A 58 21.59 -3.96 7.72
CA VAL A 58 20.93 -4.92 6.84
C VAL A 58 20.16 -5.94 7.65
N TRP A 59 20.74 -6.42 8.75
CA TRP A 59 20.05 -7.36 9.62
C TRP A 59 18.76 -6.75 10.18
N LEU A 60 18.77 -5.46 10.52
CA LEU A 60 17.68 -4.83 11.27
C LEU A 60 16.61 -4.25 10.36
N ASN A 61 16.43 -4.82 9.16
CA ASN A 61 15.35 -4.39 8.29
C ASN A 61 15.12 -5.48 7.24
N SER A 62 13.85 -5.72 6.93
CA SER A 62 13.49 -6.73 5.93
C SER A 62 13.53 -6.17 4.52
N ASN A 63 13.41 -4.86 4.34
CA ASN A 63 13.47 -4.25 3.02
C ASN A 63 14.89 -4.17 2.48
N LEU A 64 15.90 -4.31 3.34
CA LEU A 64 17.29 -4.23 2.94
C LEU A 64 17.84 -5.57 2.44
N GLN A 65 17.03 -6.62 2.42
CA GLN A 65 17.46 -7.93 1.94
C GLN A 65 17.20 -8.14 0.46
N ASN A 66 17.23 -7.06 -0.32
CA ASN A 66 16.98 -7.16 -1.75
C ASN A 66 18.16 -7.81 -2.47
N VAL A 67 17.85 -8.37 -3.64
CA VAL A 67 18.91 -8.97 -4.46
C VAL A 67 19.97 -7.93 -4.80
N THR A 68 19.55 -6.67 -4.99
CA THR A 68 20.50 -5.60 -5.20
C THR A 68 21.35 -5.34 -3.96
N ASN A 69 20.77 -5.55 -2.77
CA ASN A 69 21.52 -5.36 -1.53
C ASN A 69 22.44 -6.54 -1.22
N TYR A 70 22.23 -7.69 -1.87
CA TYR A 70 23.14 -8.81 -1.66
C TYR A 70 24.56 -8.45 -2.06
N PHE A 71 24.74 -7.77 -3.19
CA PHE A 71 26.07 -7.38 -3.61
C PHE A 71 26.67 -6.34 -2.66
N VAL A 72 25.84 -5.44 -2.14
CA VAL A 72 26.32 -4.46 -1.18
C VAL A 72 26.85 -5.15 0.07
N VAL A 73 26.10 -6.12 0.59
CA VAL A 73 26.56 -6.82 1.79
C VAL A 73 27.80 -7.66 1.47
N SER A 74 27.89 -8.20 0.25
CA SER A 74 29.11 -8.91 -0.13
C SER A 74 30.31 -7.97 -0.10
N LEU A 75 30.14 -6.76 -0.63
CA LEU A 75 31.21 -5.77 -0.55
C LEU A 75 31.56 -5.47 0.90
N ALA A 76 30.55 -5.34 1.76
CA ALA A 76 30.79 -5.04 3.16
C ALA A 76 31.62 -6.14 3.81
N ALA A 77 31.28 -7.40 3.54
CA ALA A 77 32.07 -8.51 4.07
C ALA A 77 33.50 -8.46 3.53
N ALA A 78 33.65 -8.13 2.25
CA ALA A 78 34.98 -8.02 1.67
C ALA A 78 35.81 -6.97 2.39
N ASP A 79 35.19 -5.82 2.70
CA ASP A 79 35.93 -4.78 3.42
C ASP A 79 36.23 -5.21 4.85
N ILE A 80 35.31 -5.93 5.49
CA ILE A 80 35.61 -6.47 6.82
C ILE A 80 36.88 -7.30 6.76
N ALA A 81 36.93 -8.24 5.82
CA ALA A 81 38.10 -9.11 5.70
C ALA A 81 39.35 -8.28 5.42
N VAL A 82 39.29 -7.42 4.41
CA VAL A 82 40.48 -6.68 4.01
C VAL A 82 41.00 -5.86 5.18
N GLY A 83 40.14 -5.09 5.82
CA GLY A 83 40.57 -4.35 6.98
C GLY A 83 41.22 -5.28 7.98
N VAL A 84 40.40 -6.12 8.60
CA VAL A 84 40.78 -6.76 9.87
C VAL A 84 42.00 -7.65 9.67
N LEU A 85 42.14 -8.26 8.49
CA LEU A 85 43.33 -9.08 8.26
C LEU A 85 44.46 -8.29 7.59
N ALA A 86 44.20 -7.76 6.39
CA ALA A 86 45.28 -7.21 5.57
C ALA A 86 45.95 -6.03 6.25
N ILE A 87 45.16 -5.10 6.81
CA ILE A 87 45.75 -3.83 7.25
C ILE A 87 46.86 -4.04 8.27
N PRO A 88 46.68 -4.83 9.32
CA PRO A 88 47.86 -5.23 10.13
C PRO A 88 48.87 -6.01 9.32
N PHE A 89 48.41 -6.88 8.41
CA PHE A 89 49.32 -7.71 7.63
C PHE A 89 50.26 -6.85 6.79
N ALA A 90 49.74 -5.79 6.17
CA ALA A 90 50.56 -4.97 5.28
C ALA A 90 51.74 -4.37 6.03
N ILE A 91 51.49 -3.77 7.18
CA ILE A 91 52.58 -3.16 7.93
C ILE A 91 53.49 -4.23 8.51
N THR A 92 52.93 -5.37 8.93
CA THR A 92 53.77 -6.43 9.47
C THR A 92 54.72 -6.97 8.41
N ILE A 93 54.31 -6.95 7.13
CA ILE A 93 55.18 -7.43 6.08
C ILE A 93 56.16 -6.36 5.62
N SER A 94 55.75 -5.08 5.66
CA SER A 94 56.62 -4.01 5.20
C SER A 94 57.64 -3.56 6.23
N THR A 95 57.36 -3.73 7.52
CA THR A 95 58.25 -3.22 8.55
C THR A 95 59.62 -3.89 8.49
N GLY A 96 59.64 -5.20 8.37
CA GLY A 96 60.89 -5.94 8.33
C GLY A 96 60.67 -7.34 7.81
N PHE A 97 61.51 -7.77 6.86
CA PHE A 97 61.31 -9.01 6.13
C PHE A 97 62.55 -9.88 6.30
N CYS A 98 62.45 -10.90 7.16
CA CYS A 98 63.55 -11.84 7.33
C CYS A 98 63.57 -12.80 6.15
N ALA A 99 64.58 -12.64 5.28
CA ALA A 99 64.68 -13.50 4.11
C ALA A 99 64.84 -14.97 4.49
N ALA A 100 65.25 -15.25 5.73
CA ALA A 100 65.32 -16.64 6.18
C ALA A 100 63.96 -17.31 6.20
N CYS A 101 62.87 -16.52 6.15
CA CYS A 101 61.53 -17.09 6.07
C CYS A 101 61.33 -17.98 4.85
N HIS A 102 62.26 -17.96 3.89
CA HIS A 102 62.19 -18.80 2.70
C HIS A 102 60.92 -18.51 1.89
N GLY A 103 60.49 -17.26 1.90
CA GLY A 103 59.35 -16.83 1.11
C GLY A 103 58.08 -16.65 1.92
N CYS A 104 57.76 -15.40 2.26
CA CYS A 104 56.51 -15.06 2.92
C CYS A 104 55.48 -14.52 1.93
N LEU A 105 55.52 -15.01 0.69
CA LEU A 105 54.63 -14.51 -0.36
C LEU A 105 53.17 -14.84 -0.09
N PHE A 106 52.88 -15.69 0.90
CA PHE A 106 51.49 -16.01 1.20
C PHE A 106 50.72 -14.77 1.65
N ILE A 107 51.36 -13.92 2.47
CA ILE A 107 50.70 -12.70 2.92
C ILE A 107 50.40 -11.78 1.75
N ALA A 108 51.38 -11.63 0.85
CA ALA A 108 51.18 -10.79 -0.33
C ALA A 108 50.04 -11.32 -1.20
N CYS A 109 50.02 -12.64 -1.41
CA CYS A 109 48.96 -13.24 -2.21
C CYS A 109 47.60 -13.04 -1.53
N PHE A 110 47.55 -13.14 -0.21
CA PHE A 110 46.29 -12.92 0.49
C PHE A 110 45.79 -11.50 0.31
N VAL A 111 46.68 -10.52 0.49
CA VAL A 111 46.24 -9.13 0.36
C VAL A 111 45.80 -8.85 -1.08
N LEU A 112 46.51 -9.42 -2.05
CA LEU A 112 46.08 -9.29 -3.44
C LEU A 112 44.69 -9.90 -3.64
N VAL A 113 44.45 -11.08 -3.04
CA VAL A 113 43.15 -11.73 -3.15
C VAL A 113 42.06 -10.82 -2.61
N LEU A 114 42.30 -10.22 -1.44
CA LEU A 114 41.27 -9.39 -0.83
C LEU A 114 41.00 -8.14 -1.67
N THR A 115 42.07 -7.49 -2.16
CA THR A 115 41.89 -6.32 -3.01
C THR A 115 41.09 -6.67 -4.25
N GLN A 116 41.41 -7.79 -4.89
CA GLN A 116 40.70 -8.19 -6.10
C GLN A 116 39.26 -8.55 -5.78
N SER A 117 39.01 -9.15 -4.62
CA SER A 117 37.64 -9.44 -4.20
C SER A 117 36.84 -8.15 -4.11
N SER A 118 37.40 -7.13 -3.47
CA SER A 118 36.71 -5.85 -3.38
C SER A 118 36.44 -5.27 -4.78
N ILE A 119 37.46 -5.31 -5.65
CA ILE A 119 37.31 -4.73 -6.98
C ILE A 119 36.22 -5.46 -7.76
N PHE A 120 36.20 -6.78 -7.70
CA PHE A 120 35.22 -7.54 -8.47
C PHE A 120 33.83 -7.43 -7.87
N SER A 121 33.71 -7.25 -6.56
CA SER A 121 32.41 -6.93 -5.98
C SER A 121 31.91 -5.60 -6.52
N LEU A 122 32.80 -4.61 -6.62
CA LEU A 122 32.41 -3.32 -7.22
C LEU A 122 31.93 -3.52 -8.65
N LEU A 123 32.67 -4.31 -9.43
CA LEU A 123 32.29 -4.54 -10.83
C LEU A 123 30.94 -5.25 -10.91
N ALA A 124 30.71 -6.23 -10.04
CA ALA A 124 29.43 -6.94 -10.05
C ALA A 124 28.28 -5.99 -9.72
N ILE A 125 28.48 -5.11 -8.74
CA ILE A 125 27.44 -4.12 -8.43
C ILE A 125 27.17 -3.26 -9.65
N ALA A 126 28.22 -2.81 -10.33
CA ALA A 126 28.04 -1.97 -11.51
C ALA A 126 27.26 -2.69 -12.60
N ILE A 127 27.59 -3.96 -12.84
CA ILE A 127 26.90 -4.71 -13.90
C ILE A 127 25.44 -4.94 -13.52
N ASP A 128 25.17 -5.22 -12.25
CA ASP A 128 23.78 -5.38 -11.81
C ASP A 128 23.01 -4.09 -12.04
N ARG A 129 23.61 -2.95 -11.69
CA ARG A 129 22.94 -1.67 -11.92
C ARG A 129 22.68 -1.45 -13.40
N TYR A 130 23.66 -1.75 -14.25
CA TYR A 130 23.48 -1.55 -15.68
C TYR A 130 22.33 -2.40 -16.21
N ILE A 131 22.27 -3.67 -15.81
CA ILE A 131 21.18 -4.53 -16.26
C ILE A 131 19.85 -3.98 -15.78
N ALA A 132 19.77 -3.59 -14.51
CA ALA A 132 18.51 -3.12 -13.95
C ALA A 132 18.02 -1.87 -14.66
N ILE A 133 18.93 -1.02 -15.13
CA ILE A 133 18.51 0.21 -15.79
C ILE A 133 18.33 0.06 -17.30
N ARG A 134 18.98 -0.92 -17.93
CA ARG A 134 18.89 -1.08 -19.37
C ARG A 134 17.76 -2.01 -19.80
N ILE A 135 17.47 -3.03 -19.00
CA ILE A 135 16.37 -3.95 -19.32
C ILE A 135 15.46 -4.02 -18.10
N PRO A 136 14.70 -2.96 -17.80
CA PRO A 136 13.90 -2.97 -16.57
C PRO A 136 12.84 -4.06 -16.55
N LEU A 137 12.19 -4.33 -17.69
CA LEU A 137 11.09 -5.28 -17.69
C LEU A 137 11.56 -6.68 -17.34
N ARG A 138 12.58 -7.17 -18.01
CA ARG A 138 13.07 -8.53 -17.81
C ARG A 138 14.07 -8.64 -16.67
N TYR A 139 14.44 -7.52 -16.03
CA TYR A 139 15.40 -7.59 -14.93
C TYR A 139 14.88 -8.45 -13.79
N ASN A 140 13.60 -8.31 -13.46
CA ASN A 140 13.03 -9.07 -12.36
C ASN A 140 13.12 -10.57 -12.62
N GLY A 141 12.83 -10.99 -13.84
CA GLY A 141 12.90 -12.39 -14.21
C GLY A 141 14.27 -12.90 -14.58
N LEU A 142 15.25 -12.03 -14.73
CA LEU A 142 16.60 -12.44 -15.10
C LEU A 142 17.55 -12.45 -13.91
N VAL A 143 17.32 -11.62 -12.90
CA VAL A 143 18.16 -11.61 -11.70
C VAL A 143 17.41 -12.42 -10.64
N THR A 144 17.87 -13.65 -10.42
CA THR A 144 17.30 -14.55 -9.44
C THR A 144 18.28 -14.75 -8.28
N GLY A 145 17.77 -15.30 -7.18
CA GLY A 145 18.61 -15.55 -6.03
C GLY A 145 19.73 -16.53 -6.34
N THR A 146 19.40 -17.62 -7.02
CA THR A 146 20.42 -18.61 -7.39
C THR A 146 21.46 -17.99 -8.31
N ARG A 147 21.02 -17.19 -9.29
CA ARG A 147 21.96 -16.55 -10.20
C ARG A 147 22.86 -15.58 -9.45
N ALA A 148 22.31 -14.82 -8.51
CA ALA A 148 23.12 -13.89 -7.72
C ALA A 148 24.16 -14.63 -6.89
N LYS A 149 23.75 -15.72 -6.25
CA LYS A 149 24.70 -16.49 -5.45
C LYS A 149 25.79 -17.10 -6.32
N GLY A 150 25.41 -17.60 -7.51
CA GLY A 150 26.42 -18.10 -8.44
C GLY A 150 27.39 -17.01 -8.88
N ILE A 151 26.87 -15.81 -9.13
CA ILE A 151 27.73 -14.68 -9.51
C ILE A 151 28.72 -14.38 -8.39
N ILE A 152 28.23 -14.35 -7.15
CA ILE A 152 29.11 -14.09 -6.02
C ILE A 152 30.18 -15.16 -5.92
N ALA A 153 29.79 -16.43 -6.08
CA ALA A 153 30.76 -17.52 -5.98
C ALA A 153 31.83 -17.40 -7.07
N ILE A 154 31.41 -17.12 -8.31
CA ILE A 154 32.38 -17.05 -9.39
C ILE A 154 33.33 -15.88 -9.19
N CYS A 155 32.81 -14.72 -8.74
CA CYS A 155 33.70 -13.59 -8.52
C CYS A 155 34.69 -13.88 -7.39
N TRP A 156 34.22 -14.51 -6.32
CA TRP A 156 35.13 -14.83 -5.21
C TRP A 156 36.22 -15.81 -5.64
N VAL A 157 35.84 -16.86 -6.39
CA VAL A 157 36.85 -17.80 -6.85
C VAL A 157 37.80 -17.15 -7.84
N LEU A 158 37.31 -16.22 -8.65
CA LEU A 158 38.19 -15.47 -9.54
C LEU A 158 39.20 -14.66 -8.73
N SER A 159 38.74 -14.02 -7.66
CA SER A 159 39.67 -13.27 -6.80
C SER A 159 40.72 -14.20 -6.21
N PHE A 160 40.30 -15.37 -5.72
CA PHE A 160 41.26 -16.34 -5.18
C PHE A 160 42.28 -16.73 -6.23
N ALA A 161 41.82 -17.09 -7.43
CA ALA A 161 42.73 -17.52 -8.49
C ALA A 161 43.71 -16.41 -8.85
N ILE A 162 43.22 -15.18 -8.97
CA ILE A 162 44.09 -14.08 -9.36
C ILE A 162 45.16 -13.86 -8.30
N GLY A 163 44.75 -13.77 -7.03
CA GLY A 163 45.70 -13.45 -5.97
C GLY A 163 46.63 -14.58 -5.61
N LEU A 164 46.26 -15.83 -5.89
CA LEU A 164 47.11 -16.98 -5.60
C LEU A 164 47.90 -17.45 -6.83
N THR A 165 47.89 -16.68 -7.91
CA THR A 165 48.69 -17.04 -9.06
C THR A 165 50.18 -17.16 -8.75
N PRO A 166 50.79 -16.28 -7.95
CA PRO A 166 52.26 -16.34 -7.80
C PRO A 166 52.79 -17.68 -7.30
N MET A 167 52.10 -18.36 -6.38
CA MET A 167 52.66 -19.57 -5.80
C MET A 167 52.87 -20.66 -6.84
N LEU A 168 52.15 -20.60 -7.97
CA LEU A 168 52.29 -21.64 -8.97
C LEU A 168 53.73 -21.72 -9.49
N GLY A 169 54.49 -20.64 -9.34
CA GLY A 169 55.88 -20.64 -9.79
C GLY A 169 56.32 -19.30 -10.35
N TRP A 170 55.38 -18.37 -10.54
CA TRP A 170 55.74 -17.05 -11.02
C TRP A 170 56.52 -16.25 -9.98
N ASN A 171 56.48 -16.66 -8.73
CA ASN A 171 57.24 -15.97 -7.69
C ASN A 171 58.73 -16.03 -7.99
N ASN A 172 59.44 -14.94 -7.67
CA ASN A 172 60.87 -14.83 -7.95
C ASN A 172 61.66 -15.18 -6.69
N CYS A 173 61.79 -16.48 -6.45
CA CYS A 173 62.58 -17.01 -5.36
C CYS A 173 63.65 -18.00 -5.80
N GLY A 174 63.49 -18.66 -6.94
CA GLY A 174 64.46 -19.62 -7.41
C GLY A 174 65.83 -19.00 -7.63
N LEU A 194 61.18 -7.74 1.62
CA LEU A 194 60.35 -6.67 1.06
C LEU A 194 59.33 -7.23 0.08
N PHE A 195 58.11 -6.67 0.11
CA PHE A 195 57.10 -7.07 -0.86
C PHE A 195 57.62 -6.89 -2.29
N GLU A 196 58.33 -5.78 -2.53
CA GLU A 196 58.89 -5.54 -3.86
C GLU A 196 59.78 -6.70 -4.29
N ASP A 197 60.68 -7.15 -3.42
CA ASP A 197 61.55 -8.26 -3.76
C ASP A 197 60.76 -9.55 -3.97
N VAL A 198 59.84 -9.85 -3.06
CA VAL A 198 59.19 -11.16 -3.07
C VAL A 198 58.32 -11.31 -4.32
N VAL A 199 57.52 -10.29 -4.63
CA VAL A 199 56.60 -10.42 -5.77
C VAL A 199 57.29 -9.88 -7.02
N PRO A 200 57.21 -10.57 -8.17
CA PRO A 200 57.78 -10.01 -9.39
C PRO A 200 57.03 -8.77 -9.84
N MET A 201 57.79 -7.79 -10.34
CA MET A 201 57.18 -6.60 -10.91
C MET A 201 56.57 -6.87 -12.28
N ASN A 202 57.15 -7.80 -13.04
CA ASN A 202 56.67 -8.04 -14.40
C ASN A 202 55.22 -8.51 -14.38
N TYR A 203 54.87 -9.45 -13.49
CA TYR A 203 53.50 -9.90 -13.40
C TYR A 203 52.56 -8.78 -12.96
N MET A 204 52.92 -8.12 -11.85
CA MET A 204 52.09 -7.06 -11.28
C MET A 204 51.86 -5.92 -12.25
N VAL A 205 52.75 -5.71 -13.21
CA VAL A 205 52.59 -4.61 -14.16
C VAL A 205 51.94 -5.08 -15.45
N TYR A 206 52.21 -6.32 -15.88
CA TYR A 206 51.72 -6.77 -17.17
C TYR A 206 50.30 -7.33 -17.06
N PHE A 207 50.09 -8.34 -16.21
CA PHE A 207 48.79 -9.01 -16.17
C PHE A 207 47.88 -8.45 -15.08
N ASN A 208 48.29 -8.53 -13.83
CA ASN A 208 47.40 -8.22 -12.73
C ASN A 208 46.88 -6.80 -12.85
N PHE A 209 47.77 -5.82 -12.75
CA PHE A 209 47.33 -4.43 -12.83
C PHE A 209 46.45 -4.21 -14.04
N PHE A 210 46.97 -4.49 -15.23
CA PHE A 210 46.25 -4.16 -16.46
C PHE A 210 44.87 -4.81 -16.45
N ALA A 211 44.82 -6.14 -16.48
CA ALA A 211 43.54 -6.81 -16.67
C ALA A 211 42.58 -6.51 -15.53
N CYS A 212 43.05 -6.53 -14.29
CA CYS A 212 42.17 -6.49 -13.14
C CYS A 212 41.89 -5.09 -12.61
N VAL A 213 42.50 -4.05 -13.19
CA VAL A 213 42.23 -2.69 -12.72
C VAL A 213 41.91 -1.71 -13.84
N LEU A 214 42.27 -1.96 -15.10
CA LEU A 214 41.89 -1.06 -16.17
C LEU A 214 40.58 -1.49 -16.82
N VAL A 215 40.49 -2.76 -17.21
CA VAL A 215 39.24 -3.26 -17.80
C VAL A 215 38.06 -3.02 -16.88
N PRO A 216 38.12 -3.32 -15.58
CA PRO A 216 36.99 -2.97 -14.71
C PRO A 216 36.66 -1.50 -14.71
N LEU A 217 37.68 -0.63 -14.71
CA LEU A 217 37.42 0.81 -14.70
C LEU A 217 36.76 1.24 -16.00
N LEU A 218 37.23 0.74 -17.14
CA LEU A 218 36.62 1.11 -18.41
C LEU A 218 35.18 0.60 -18.50
N LEU A 219 34.93 -0.63 -18.03
CA LEU A 219 33.57 -1.14 -18.01
C LEU A 219 32.67 -0.27 -17.13
N MET A 220 33.17 0.12 -15.96
CA MET A 220 32.40 1.00 -15.08
C MET A 220 32.12 2.33 -15.77
N LEU A 221 33.12 2.89 -16.46
CA LEU A 221 32.94 4.16 -17.15
C LEU A 221 31.84 4.05 -18.20
N GLY A 222 31.90 3.01 -19.03
CA GLY A 222 30.87 2.83 -20.05
C GLY A 222 29.48 2.62 -19.44
N VAL A 223 29.40 1.80 -18.39
CA VAL A 223 28.12 1.51 -17.76
C VAL A 223 27.51 2.79 -17.20
N TYR A 224 28.33 3.59 -16.50
CA TYR A 224 27.79 4.80 -15.89
C TYR A 224 27.51 5.87 -16.94
N LEU A 225 28.26 5.88 -18.05
CA LEU A 225 27.92 6.78 -19.15
C LEU A 225 26.54 6.44 -19.71
N ARG A 226 26.27 5.15 -19.92
CA ARG A 226 24.94 4.77 -20.40
C ARG A 226 23.86 5.11 -19.37
N ILE A 227 24.15 4.89 -18.10
CA ILE A 227 23.18 5.21 -17.05
C ILE A 227 22.87 6.70 -17.06
N PHE A 228 23.90 7.55 -17.17
CA PHE A 228 23.67 8.99 -17.21
C PHE A 228 22.90 9.39 -18.45
N LEU A 229 23.20 8.79 -19.60
CA LEU A 229 22.46 9.10 -20.81
C LEU A 229 20.98 8.80 -20.64
N ALA A 230 20.67 7.60 -20.11
CA ALA A 230 19.26 7.25 -19.90
C ALA A 230 18.61 8.20 -18.89
N ALA A 231 19.31 8.52 -17.80
CA ALA A 231 18.76 9.42 -16.80
C ALA A 231 18.45 10.78 -17.38
N ARG A 232 19.38 11.33 -18.18
CA ARG A 232 19.15 12.63 -18.80
C ARG A 232 17.99 12.57 -19.77
N ARG A 233 17.90 11.50 -20.57
CA ARG A 233 16.81 11.37 -21.51
C ARG A 233 15.46 11.37 -20.78
N GLN A 234 15.36 10.60 -19.70
CA GLN A 234 14.12 10.60 -18.91
C GLN A 234 13.86 11.96 -18.29
N LEU A 235 14.90 12.59 -17.75
CA LEU A 235 14.71 13.87 -17.07
C LEU A 235 14.20 14.95 -18.01
N LYS A 236 14.81 15.07 -19.19
CA LYS A 236 14.41 16.09 -20.15
C LYS A 236 13.03 15.85 -20.72
N GLN A 237 12.49 14.63 -20.59
CA GLN A 237 11.20 14.30 -21.18
C GLN A 237 10.09 15.14 -20.57
N MET A 238 9.72 14.83 -19.32
CA MET A 238 8.66 15.55 -18.64
C MET A 238 8.97 15.87 -17.18
N GLU A 239 10.16 15.57 -16.69
CA GLU A 239 10.53 15.84 -15.31
C GLU A 239 11.19 17.21 -15.19
N SER A 250 16.37 22.44 -11.06
CA SER A 250 15.51 22.69 -12.21
C SER A 250 16.28 22.50 -13.51
N THR A 251 15.62 21.87 -14.48
CA THR A 251 16.23 21.61 -15.79
C THR A 251 17.62 21.00 -15.63
N LEU A 252 18.66 21.72 -16.08
CA LEU A 252 20.01 21.18 -16.06
C LEU A 252 20.56 20.98 -14.65
N GLN A 253 19.92 21.55 -13.63
CA GLN A 253 20.45 21.42 -12.27
C GLN A 253 20.50 19.96 -11.82
N LYS A 254 19.37 19.25 -11.94
CA LYS A 254 19.33 17.86 -11.50
C LYS A 254 20.18 16.97 -12.40
N GLU A 255 20.22 17.28 -13.70
CA GLU A 255 21.09 16.54 -14.60
C GLU A 255 22.54 16.64 -14.15
N CYS A 256 23.01 17.86 -13.89
CA CYS A 256 24.37 18.04 -13.40
C CYS A 256 24.57 17.40 -12.04
N HIS A 257 23.54 17.40 -11.19
CA HIS A 257 23.66 16.77 -9.87
C HIS A 257 23.91 15.26 -10.00
N ALA A 258 23.10 14.59 -10.82
CA ALA A 258 23.28 13.16 -11.02
C ALA A 258 24.62 12.86 -11.70
N ALA A 259 24.99 13.66 -12.70
CA ALA A 259 26.28 13.50 -13.34
C ALA A 259 27.40 13.64 -12.32
N LYS A 260 27.28 14.61 -11.42
CA LYS A 260 28.29 14.80 -10.39
C LYS A 260 28.37 13.60 -9.47
N SER A 261 27.24 13.02 -9.09
CA SER A 261 27.26 11.84 -8.24
C SER A 261 28.01 10.69 -8.93
N LEU A 262 27.64 10.39 -10.17
CA LEU A 262 28.28 9.28 -10.87
C LEU A 262 29.77 9.54 -11.07
N ALA A 263 30.11 10.77 -11.48
CA ALA A 263 31.51 11.13 -11.66
C ALA A 263 32.27 11.06 -10.35
N ILE A 264 31.62 11.38 -9.23
CA ILE A 264 32.31 11.37 -7.95
C ILE A 264 32.63 9.94 -7.54
N ILE A 265 31.69 9.01 -7.72
CA ILE A 265 31.99 7.62 -7.38
C ILE A 265 33.12 7.10 -8.26
N VAL A 266 33.04 7.35 -9.57
CA VAL A 266 34.07 6.83 -10.47
C VAL A 266 35.43 7.44 -10.15
N GLY A 267 35.46 8.76 -9.95
CA GLY A 267 36.72 9.42 -9.66
C GLY A 267 37.30 9.03 -8.32
N LEU A 268 36.45 8.79 -7.32
CA LEU A 268 36.95 8.32 -6.04
C LEU A 268 37.63 6.97 -6.20
N PHE A 269 36.99 6.06 -6.94
CA PHE A 269 37.62 4.76 -7.17
C PHE A 269 38.96 4.95 -7.88
N ALA A 270 38.98 5.79 -8.91
CA ALA A 270 40.21 5.98 -9.70
C ALA A 270 41.32 6.56 -8.84
N LEU A 271 41.03 7.62 -8.09
CA LEU A 271 42.03 8.22 -7.23
C LEU A 271 42.52 7.22 -6.18
N CYS A 272 41.60 6.41 -5.64
CA CYS A 272 42.00 5.46 -4.61
C CYS A 272 42.96 4.42 -5.16
N TRP A 273 42.72 3.92 -6.38
CA TRP A 273 43.44 2.74 -6.85
C TRP A 273 44.61 3.06 -7.79
N LEU A 274 44.44 3.94 -8.77
CA LEU A 274 45.50 4.14 -9.76
C LEU A 274 46.84 4.54 -9.16
N PRO A 275 46.95 5.53 -8.27
CA PRO A 275 48.27 6.06 -7.89
C PRO A 275 49.34 5.00 -7.65
N LEU A 276 49.05 4.01 -6.80
CA LEU A 276 50.04 2.99 -6.48
C LEU A 276 50.43 2.21 -7.73
N HIS A 277 49.44 1.84 -8.55
CA HIS A 277 49.74 1.11 -9.78
C HIS A 277 50.60 1.95 -10.71
N ILE A 278 50.32 3.26 -10.80
CA ILE A 278 51.11 4.12 -11.66
C ILE A 278 52.56 4.17 -11.20
N ILE A 279 52.78 4.34 -9.90
CA ILE A 279 54.15 4.44 -9.41
C ILE A 279 54.86 3.11 -9.62
N ASN A 280 54.18 1.99 -9.36
CA ASN A 280 54.80 0.68 -9.52
C ASN A 280 55.15 0.42 -10.99
N CYS A 281 54.25 0.79 -11.90
CA CYS A 281 54.53 0.61 -13.33
C CYS A 281 55.68 1.48 -13.77
N PHE A 282 55.76 2.72 -13.25
CA PHE A 282 56.89 3.58 -13.57
C PHE A 282 58.20 2.96 -13.07
N THR A 283 58.19 2.42 -11.86
CA THR A 283 59.39 1.77 -11.34
C THR A 283 59.79 0.58 -12.22
N PHE A 284 58.80 -0.20 -12.65
CA PHE A 284 59.08 -1.34 -13.53
C PHE A 284 59.66 -0.89 -14.86
N PHE A 285 59.11 0.18 -15.42
CA PHE A 285 59.48 0.64 -16.76
C PHE A 285 60.63 1.63 -16.75
N CYS A 286 61.22 1.91 -15.58
CA CYS A 286 62.29 2.88 -15.44
C CYS A 286 63.47 2.21 -14.74
N PRO A 287 64.18 1.31 -15.44
CA PRO A 287 65.33 0.65 -14.80
C PRO A 287 66.38 1.62 -14.31
N ASP A 288 66.64 2.71 -15.05
CA ASP A 288 67.61 3.71 -14.62
C ASP A 288 67.03 4.62 -13.54
N CYS A 289 65.83 5.14 -13.75
CA CYS A 289 65.19 5.99 -12.77
C CYS A 289 64.93 5.21 -11.48
N SER A 290 65.30 5.80 -10.35
CA SER A 290 65.18 5.12 -9.06
C SER A 290 63.76 5.29 -8.51
N HIS A 291 63.50 4.69 -7.37
CA HIS A 291 62.17 4.71 -6.75
C HIS A 291 61.91 6.08 -6.11
N ALA A 292 60.66 6.28 -5.70
CA ALA A 292 60.23 7.50 -5.06
C ALA A 292 60.37 7.41 -3.55
N PRO A 293 60.45 8.53 -2.85
CA PRO A 293 60.65 8.48 -1.39
C PRO A 293 59.53 7.69 -0.71
N LEU A 294 59.91 6.97 0.35
CA LEU A 294 59.01 6.00 0.96
C LEU A 294 57.73 6.61 1.48
N TRP A 295 57.72 7.90 1.81
CA TRP A 295 56.46 8.49 2.27
C TRP A 295 55.44 8.56 1.14
N LEU A 296 55.89 8.64 -0.12
CA LEU A 296 54.96 8.55 -1.24
C LEU A 296 54.36 7.15 -1.35
N MET A 297 55.20 6.12 -1.16
CA MET A 297 54.69 4.76 -1.19
C MET A 297 53.67 4.52 -0.08
N TYR A 298 53.98 5.02 1.12
CA TYR A 298 53.03 4.87 2.23
C TYR A 298 51.76 5.65 1.99
N LEU A 299 51.86 6.83 1.36
CA LEU A 299 50.68 7.58 0.98
C LEU A 299 49.81 6.77 0.02
N ALA A 300 50.43 6.16 -0.98
CA ALA A 300 49.68 5.33 -1.92
C ALA A 300 49.02 4.15 -1.22
N ILE A 301 49.75 3.52 -0.29
CA ILE A 301 49.20 2.36 0.41
C ILE A 301 48.00 2.77 1.26
N VAL A 302 48.11 3.90 1.97
CA VAL A 302 47.00 4.33 2.80
C VAL A 302 45.80 4.70 1.95
N LEU A 303 46.02 5.24 0.74
CA LEU A 303 44.90 5.45 -0.18
C LEU A 303 44.26 4.12 -0.56
N SER A 304 45.07 3.17 -1.01
CA SER A 304 44.54 1.88 -1.47
C SER A 304 43.77 1.18 -0.36
N HIS A 305 44.11 1.47 0.91
CA HIS A 305 43.44 0.81 2.01
C HIS A 305 42.24 1.60 2.53
N THR A 306 42.30 2.93 2.57
CA THR A 306 41.15 3.73 2.95
C THR A 306 40.06 3.69 1.89
N ASN A 307 40.35 3.18 0.69
CA ASN A 307 39.27 2.87 -0.24
C ASN A 307 38.23 1.99 0.44
N SER A 308 38.68 1.02 1.23
CA SER A 308 37.76 0.17 1.98
C SER A 308 36.90 1.00 2.93
N VAL A 309 37.51 1.99 3.59
CA VAL A 309 36.76 2.85 4.50
C VAL A 309 35.69 3.63 3.74
N VAL A 310 36.03 4.13 2.56
CA VAL A 310 35.16 5.10 1.91
C VAL A 310 34.06 4.46 1.07
N ASN A 311 34.21 3.18 0.67
CA ASN A 311 33.17 2.65 -0.20
C ASN A 311 31.78 2.79 0.42
N PRO A 312 31.56 2.28 1.64
CA PRO A 312 30.21 2.40 2.24
C PRO A 312 29.78 3.84 2.44
N PHE A 313 30.74 4.75 2.70
CA PHE A 313 30.41 6.16 2.81
C PHE A 313 29.77 6.67 1.52
N ILE A 314 30.03 6.02 0.39
CA ILE A 314 29.50 6.44 -0.90
C ILE A 314 28.24 5.66 -1.25
N TYR A 315 28.28 4.33 -1.16
CA TYR A 315 27.39 3.23 -1.52
C TYR A 315 26.23 3.09 -0.54
N ALA A 316 26.53 2.84 0.73
CA ALA A 316 25.47 2.54 1.70
C ALA A 316 24.85 3.80 2.27
N TYR A 317 25.69 4.69 2.83
CA TYR A 317 25.16 5.87 3.50
C TYR A 317 24.27 6.70 2.60
N ALA A 318 24.70 6.91 1.35
CA ALA A 318 23.92 7.74 0.43
C ALA A 318 22.51 7.20 0.26
N ILE A 319 22.32 5.89 0.43
CA ILE A 319 20.99 5.32 0.35
C ILE A 319 20.11 5.93 1.42
N ARG A 320 18.92 6.41 1.02
CA ARG A 320 18.03 7.07 1.96
C ARG A 320 17.60 6.12 3.07
N GLU A 321 17.20 4.90 2.71
CA GLU A 321 16.79 3.93 3.72
C GLU A 321 17.92 3.60 4.67
N PHE A 322 19.13 3.42 4.14
CA PHE A 322 20.27 3.08 4.98
C PHE A 322 20.58 4.21 5.96
N ARG A 323 20.61 5.45 5.48
CA ARG A 323 20.94 6.56 6.37
C ARG A 323 19.80 6.86 7.35
N GLN A 324 18.56 6.52 7.00
CA GLN A 324 17.47 6.63 7.96
C GLN A 324 17.59 5.56 9.04
N THR A 325 17.98 4.35 8.66
CA THR A 325 18.16 3.28 9.64
C THR A 325 19.32 3.60 10.58
N PHE A 326 20.41 4.16 10.04
CA PHE A 326 21.59 4.43 10.86
C PHE A 326 21.27 5.38 12.01
N ARG A 327 20.30 6.27 11.82
CA ARG A 327 19.96 7.22 12.88
C ARG A 327 19.52 6.48 14.14
N LYS A 328 18.64 5.49 13.99
CA LYS A 328 18.23 4.72 15.15
C LYS A 328 19.35 3.83 15.66
N ILE A 329 20.24 3.38 14.77
CA ILE A 329 21.37 2.56 15.22
C ILE A 329 22.25 3.35 16.18
N ILE A 330 22.64 4.57 15.79
CA ILE A 330 23.48 5.38 16.65
C ILE A 330 22.70 5.83 17.88
N ARG A 331 21.40 6.09 17.72
CA ARG A 331 20.59 6.47 18.88
C ARG A 331 20.58 5.37 19.93
N SER A 332 20.40 4.12 19.49
CA SER A 332 20.44 3.00 20.44
C SER A 332 21.84 2.81 21.01
N HIS A 333 22.87 2.98 20.17
CA HIS A 333 24.24 2.83 20.66
C HIS A 333 24.55 3.85 21.77
N VAL A 334 24.12 5.09 21.60
CA VAL A 334 24.36 6.12 22.60
C VAL A 334 23.52 5.84 23.84
N ASP B 10 -44.73 12.67 1.04
CA ASP B 10 -44.52 13.84 1.93
C ASP B 10 -44.98 13.54 3.34
N GLN B 11 -46.18 12.95 3.46
CA GLN B 11 -46.68 12.58 4.78
C GLN B 11 -45.78 11.54 5.44
N LEU B 12 -45.30 10.57 4.65
CA LEU B 12 -44.38 9.58 5.20
C LEU B 12 -43.12 10.24 5.75
N ARG B 13 -42.65 11.30 5.09
CA ARG B 13 -41.47 12.01 5.60
C ARG B 13 -41.75 12.63 6.95
N GLN B 14 -42.91 13.27 7.11
CA GLN B 14 -43.26 13.85 8.40
C GLN B 14 -43.40 12.77 9.48
N GLU B 15 -44.00 11.64 9.14
CA GLU B 15 -44.14 10.56 10.10
C GLU B 15 -42.77 10.04 10.52
N ALA B 16 -41.86 9.87 9.56
CA ALA B 16 -40.51 9.40 9.90
C ALA B 16 -39.78 10.40 10.77
N GLU B 17 -39.91 11.70 10.47
CA GLU B 17 -39.27 12.71 11.29
C GLU B 17 -39.81 12.69 12.72
N GLN B 18 -41.13 12.57 12.86
CA GLN B 18 -41.72 12.52 14.20
C GLN B 18 -41.26 11.27 14.95
N LEU B 19 -41.20 10.13 14.26
CA LEU B 19 -40.74 8.91 14.91
C LEU B 19 -39.29 9.03 15.36
N LYS B 20 -38.44 9.61 14.52
CA LYS B 20 -37.04 9.79 14.88
C LYS B 20 -36.91 10.73 16.08
N ASN B 21 -37.68 11.81 16.10
CA ASN B 21 -37.64 12.72 17.24
C ASN B 21 -38.10 12.01 18.50
N GLN B 22 -39.15 11.20 18.42
CA GLN B 22 -39.62 10.48 19.58
C GLN B 22 -38.57 9.50 20.09
N ILE B 23 -37.91 8.78 19.18
CA ILE B 23 -36.87 7.84 19.58
C ILE B 23 -35.71 8.57 20.25
N ARG B 24 -35.30 9.70 19.68
CA ARG B 24 -34.21 10.47 20.28
C ARG B 24 -34.60 10.96 21.67
N ASP B 25 -35.83 11.44 21.83
CA ASP B 25 -36.28 11.88 23.14
C ASP B 25 -36.31 10.73 24.13
N ALA B 26 -36.75 9.54 23.69
CA ALA B 26 -36.76 8.39 24.57
C ALA B 26 -35.36 8.03 25.04
N ARG B 27 -34.39 8.03 24.11
CA ARG B 27 -33.01 7.74 24.51
C ARG B 27 -32.47 8.79 25.46
N LYS B 28 -32.76 10.07 25.19
CA LYS B 28 -32.30 11.13 26.08
C LYS B 28 -32.88 10.95 27.48
N ALA B 29 -34.16 10.62 27.57
CA ALA B 29 -34.75 10.35 28.87
C ALA B 29 -34.09 9.14 29.54
N CYS B 30 -33.78 8.11 28.75
CA CYS B 30 -33.13 6.93 29.31
C CYS B 30 -31.78 7.29 29.93
N ALA B 31 -31.00 8.14 29.26
CA ALA B 31 -29.70 8.52 29.78
C ALA B 31 -29.85 9.22 31.13
N ASP B 32 -29.05 8.79 32.10
CA ASP B 32 -29.06 9.35 33.45
C ASP B 32 -27.67 9.76 33.94
N ALA B 33 -26.64 9.00 33.59
CA ALA B 33 -25.27 9.29 34.03
C ALA B 33 -24.32 8.95 32.88
N THR B 34 -23.02 8.92 33.18
CA THR B 34 -21.99 8.67 32.19
C THR B 34 -21.06 7.58 32.68
N LEU B 35 -20.50 6.83 31.72
CA LEU B 35 -19.64 5.70 32.05
C LEU B 35 -18.38 6.14 32.76
N SER B 36 -17.77 7.23 32.31
CA SER B 36 -16.55 7.70 32.97
C SER B 36 -16.83 8.09 34.42
N GLN B 37 -17.95 8.77 34.66
CA GLN B 37 -18.29 9.16 36.03
C GLN B 37 -18.58 7.93 36.88
N ILE B 38 -19.30 6.96 36.33
CA ILE B 38 -19.63 5.76 37.09
C ILE B 38 -18.36 4.98 37.44
N THR B 39 -17.46 4.83 36.47
CA THR B 39 -16.24 4.04 36.64
C THR B 39 -15.03 4.90 37.00
N ASN B 40 -15.24 6.18 37.29
CA ASN B 40 -14.11 7.04 37.68
C ASN B 40 -13.34 6.45 38.85
N ASN B 41 -14.02 5.77 39.76
CA ASN B 41 -13.40 5.24 40.97
C ASN B 41 -12.73 3.88 40.75
N ILE B 42 -12.47 3.50 39.51
CA ILE B 42 -11.78 2.26 39.18
C ILE B 42 -10.39 2.61 38.69
N ASP B 43 -9.38 1.96 39.26
CA ASP B 43 -7.99 2.34 38.97
C ASP B 43 -7.62 2.00 37.53
N PRO B 44 -6.62 2.68 36.97
CA PRO B 44 -6.19 2.37 35.61
C PRO B 44 -5.53 1.01 35.53
N VAL B 45 -5.63 0.39 34.35
CA VAL B 45 -5.01 -0.92 34.14
C VAL B 45 -3.50 -0.81 34.24
N GLY B 46 -2.93 0.23 33.67
CA GLY B 46 -1.50 0.42 33.66
C GLY B 46 -0.92 0.36 32.25
N ARG B 47 0.28 0.91 32.10
CA ARG B 47 0.96 0.91 30.81
C ARG B 47 1.41 -0.51 30.48
N ILE B 48 0.72 -1.15 29.55
CA ILE B 48 1.06 -2.50 29.12
C ILE B 48 2.00 -2.40 27.93
N GLN B 49 3.01 -3.26 27.92
CA GLN B 49 4.10 -3.21 26.94
C GLN B 49 4.25 -4.55 26.24
N MET B 50 3.15 -5.08 25.72
CA MET B 50 3.21 -6.34 24.99
C MET B 50 4.33 -6.32 23.97
N ARG B 51 5.16 -7.36 23.98
CA ARG B 51 6.31 -7.47 23.10
C ARG B 51 6.07 -8.63 22.13
N THR B 52 6.48 -8.43 20.88
CA THR B 52 6.30 -9.46 19.87
C THR B 52 6.97 -10.75 20.31
N ARG B 53 6.25 -11.86 20.10
CA ARG B 53 6.77 -13.19 20.41
C ARG B 53 6.97 -14.06 19.19
N ARG B 54 6.35 -13.72 18.06
CA ARG B 54 6.52 -14.47 16.83
C ARG B 54 6.43 -13.51 15.65
N THR B 55 6.95 -13.97 14.51
CA THR B 55 6.81 -13.26 13.25
C THR B 55 6.62 -14.30 12.16
N LEU B 56 5.54 -14.16 11.39
CA LEU B 56 5.15 -15.16 10.40
C LEU B 56 5.39 -14.58 9.01
N ARG B 57 6.11 -15.33 8.18
CA ARG B 57 6.59 -14.84 6.89
C ARG B 57 6.28 -15.86 5.80
N GLY B 58 6.05 -15.36 4.60
CA GLY B 58 5.80 -16.23 3.46
C GLY B 58 4.74 -15.68 2.51
N HIS B 59 4.01 -14.66 2.92
CA HIS B 59 2.96 -14.08 2.10
C HIS B 59 3.54 -12.98 1.23
N LEU B 60 3.28 -13.06 -0.08
CA LEU B 60 3.96 -12.21 -1.05
C LEU B 60 3.43 -10.78 -1.02
N ALA B 61 2.11 -10.61 -0.93
CA ALA B 61 1.48 -9.31 -1.11
C ALA B 61 0.75 -8.91 0.17
N LYS B 62 0.02 -7.81 0.11
CA LYS B 62 -0.68 -7.29 1.28
C LYS B 62 -1.69 -8.31 1.77
N ILE B 63 -1.86 -8.35 3.10
CA ILE B 63 -2.71 -9.32 3.77
C ILE B 63 -3.97 -8.60 4.25
N TYR B 64 -5.13 -9.17 3.95
CA TYR B 64 -6.41 -8.52 4.20
C TYR B 64 -7.13 -9.06 5.43
N ALA B 65 -7.13 -10.38 5.65
CA ALA B 65 -7.89 -10.95 6.74
C ALA B 65 -7.24 -12.24 7.22
N MET B 66 -7.58 -12.62 8.46
CA MET B 66 -7.14 -13.86 9.06
C MET B 66 -8.16 -14.29 10.08
N HIS B 67 -8.12 -15.56 10.46
CA HIS B 67 -9.07 -16.09 11.44
C HIS B 67 -8.38 -17.13 12.32
N TRP B 68 -8.60 -17.01 13.62
CA TRP B 68 -8.10 -18.00 14.57
C TRP B 68 -8.92 -19.28 14.52
N GLY B 69 -8.24 -20.40 14.72
CA GLY B 69 -8.94 -21.65 14.92
C GLY B 69 -9.54 -21.72 16.31
N THR B 70 -10.38 -22.74 16.52
CA THR B 70 -11.05 -22.89 17.80
C THR B 70 -10.10 -23.31 18.91
N ASP B 71 -8.97 -23.94 18.57
CA ASP B 71 -8.04 -24.46 19.56
C ASP B 71 -6.97 -23.46 19.96
N SER B 72 -6.96 -22.26 19.36
CA SER B 72 -5.96 -21.23 19.63
C SER B 72 -4.56 -21.67 19.28
N ARG B 73 -4.41 -22.59 18.32
CA ARG B 73 -3.11 -23.05 17.85
C ARG B 73 -3.00 -23.04 16.33
N LEU B 74 -4.12 -22.97 15.62
CA LEU B 74 -4.14 -22.94 14.16
C LEU B 74 -4.92 -21.73 13.70
N LEU B 75 -4.42 -21.07 12.65
CA LEU B 75 -5.08 -19.90 12.10
C LEU B 75 -4.76 -19.79 10.62
N VAL B 76 -5.58 -19.04 9.89
CA VAL B 76 -5.49 -18.95 8.44
C VAL B 76 -5.38 -17.48 8.04
N SER B 77 -4.69 -17.25 6.93
CA SER B 77 -4.50 -15.90 6.39
C SER B 77 -4.70 -15.92 4.88
N ALA B 78 -5.03 -14.74 4.34
CA ALA B 78 -5.23 -14.58 2.91
C ALA B 78 -4.67 -13.23 2.48
N SER B 79 -4.09 -13.21 1.28
CA SER B 79 -3.52 -11.99 0.73
C SER B 79 -3.94 -11.84 -0.73
N GLN B 80 -3.73 -10.64 -1.26
CA GLN B 80 -4.12 -10.34 -2.64
C GLN B 80 -3.39 -11.21 -3.65
N ASP B 81 -2.23 -11.77 -3.28
CA ASP B 81 -1.48 -12.59 -4.23
C ASP B 81 -2.26 -13.83 -4.66
N GLY B 82 -3.26 -14.25 -3.89
CA GLY B 82 -4.09 -15.37 -4.26
C GLY B 82 -3.62 -16.70 -3.71
N LYS B 83 -3.39 -16.76 -2.39
CA LYS B 83 -2.99 -17.99 -1.74
C LYS B 83 -3.63 -18.04 -0.34
N LEU B 84 -4.01 -19.25 0.06
CA LEU B 84 -4.58 -19.49 1.38
C LEU B 84 -3.62 -20.39 2.14
N ILE B 85 -3.18 -19.94 3.31
CA ILE B 85 -2.14 -20.62 4.09
C ILE B 85 -2.69 -20.91 5.47
N ILE B 86 -2.50 -22.15 5.93
CA ILE B 86 -2.88 -22.56 7.29
C ILE B 86 -1.58 -22.63 8.08
N TRP B 87 -1.39 -21.69 8.99
CA TRP B 87 -0.15 -21.61 9.75
C TRP B 87 -0.24 -22.46 11.02
N ASP B 88 0.76 -22.33 11.88
CA ASP B 88 0.76 -22.98 13.19
C ASP B 88 1.58 -22.07 14.11
N SER B 89 0.87 -21.26 14.91
CA SER B 89 1.56 -20.28 15.75
C SER B 89 2.54 -20.95 16.71
N TYR B 90 2.13 -22.09 17.30
CA TYR B 90 2.99 -22.75 18.26
C TYR B 90 4.36 -23.07 17.67
N THR B 91 4.37 -23.64 16.47
CA THR B 91 5.61 -23.90 15.72
C THR B 91 5.37 -23.39 14.30
N THR B 92 6.09 -22.34 13.92
CA THR B 92 5.85 -21.72 12.61
C THR B 92 6.06 -22.74 11.51
N ASN B 93 4.96 -23.16 10.88
CA ASN B 93 5.01 -24.13 9.77
C ASN B 93 3.82 -23.88 8.88
N LYS B 94 4.00 -24.10 7.57
CA LYS B 94 2.87 -24.02 6.65
C LYS B 94 2.11 -25.33 6.66
N VAL B 95 1.06 -25.41 7.49
CA VAL B 95 0.28 -26.64 7.61
C VAL B 95 -0.34 -26.98 6.26
N HIS B 96 -0.89 -25.99 5.57
CA HIS B 96 -1.50 -26.21 4.28
C HIS B 96 -1.44 -24.93 3.46
N ALA B 97 -1.33 -25.08 2.15
CA ALA B 97 -1.35 -23.96 1.22
C ALA B 97 -2.37 -24.25 0.14
N ILE B 98 -3.22 -23.27 -0.17
CA ILE B 98 -4.31 -23.44 -1.11
C ILE B 98 -4.28 -22.28 -2.11
N PRO B 99 -4.04 -22.54 -3.39
CA PRO B 99 -4.13 -21.44 -4.38
C PRO B 99 -5.55 -21.22 -4.88
N LEU B 100 -6.05 -20.00 -4.75
CA LEU B 100 -7.42 -19.71 -5.14
C LEU B 100 -7.55 -19.64 -6.65
N ARG B 101 -8.75 -19.96 -7.14
CA ARG B 101 -9.03 -19.82 -8.57
C ARG B 101 -8.94 -18.36 -9.00
N SER B 102 -9.47 -17.45 -8.19
CA SER B 102 -9.37 -16.03 -8.43
C SER B 102 -8.34 -15.44 -7.48
N SER B 103 -7.37 -14.72 -8.05
CA SER B 103 -6.29 -14.16 -7.24
C SER B 103 -6.77 -13.07 -6.29
N TRP B 104 -7.99 -12.56 -6.46
CA TRP B 104 -8.52 -11.49 -5.64
C TRP B 104 -9.37 -12.09 -4.51
N VAL B 105 -9.08 -11.67 -3.27
CA VAL B 105 -9.78 -12.18 -2.10
C VAL B 105 -9.81 -11.07 -1.06
N MET B 106 -10.88 -11.05 -0.27
CA MET B 106 -11.08 -9.99 0.72
C MET B 106 -11.34 -10.49 2.13
N THR B 107 -11.55 -11.79 2.33
CA THR B 107 -11.83 -12.31 3.67
C THR B 107 -11.49 -13.79 3.73
N CYS B 108 -11.27 -14.26 4.95
CA CYS B 108 -11.03 -15.68 5.20
C CYS B 108 -11.75 -16.07 6.49
N ALA B 109 -12.11 -17.35 6.57
CA ALA B 109 -12.85 -17.84 7.73
C ALA B 109 -12.37 -19.24 8.08
N TYR B 110 -12.54 -19.60 9.34
CA TYR B 110 -12.16 -20.90 9.87
C TYR B 110 -13.36 -21.51 10.57
N ALA B 111 -13.82 -22.65 10.08
CA ALA B 111 -14.99 -23.29 10.67
C ALA B 111 -14.70 -23.66 12.12
N PRO B 112 -15.63 -23.44 13.04
CA PRO B 112 -15.35 -23.81 14.44
C PRO B 112 -15.00 -25.27 14.61
N SER B 113 -15.58 -26.16 13.81
CA SER B 113 -15.19 -27.56 13.84
C SER B 113 -13.77 -27.77 13.34
N GLY B 114 -13.18 -26.80 12.66
CA GLY B 114 -11.82 -26.94 12.17
C GLY B 114 -11.68 -27.84 10.97
N ASN B 115 -12.76 -28.06 10.22
CA ASN B 115 -12.74 -28.93 9.05
C ASN B 115 -12.99 -28.20 7.75
N TYR B 116 -13.30 -26.90 7.77
CA TYR B 116 -13.61 -26.17 6.55
C TYR B 116 -13.22 -24.72 6.72
N VAL B 117 -12.86 -24.09 5.61
CA VAL B 117 -12.55 -22.66 5.56
C VAL B 117 -13.23 -22.07 4.34
N ALA B 118 -13.44 -20.75 4.39
CA ALA B 118 -14.08 -20.03 3.29
C ALA B 118 -13.30 -18.75 3.02
N CYS B 119 -13.36 -18.30 1.76
CA CYS B 119 -12.66 -17.10 1.34
C CYS B 119 -13.26 -16.62 0.03
N GLY B 120 -13.48 -15.31 -0.08
CA GLY B 120 -14.07 -14.71 -1.25
C GLY B 120 -13.61 -13.28 -1.41
N GLY B 121 -14.07 -12.65 -2.49
CA GLY B 121 -13.69 -11.28 -2.79
C GLY B 121 -14.46 -10.68 -3.94
N LEU B 122 -13.76 -9.95 -4.82
CA LEU B 122 -14.43 -9.30 -5.94
C LEU B 122 -15.13 -10.29 -6.86
N ASP B 123 -14.75 -11.56 -6.82
CA ASP B 123 -15.41 -12.58 -7.64
C ASP B 123 -16.85 -12.81 -7.21
N ASN B 124 -17.33 -12.16 -6.16
CA ASN B 124 -18.71 -12.26 -5.70
C ASN B 124 -19.03 -13.63 -5.10
N ILE B 125 -18.01 -14.41 -4.74
CA ILE B 125 -18.20 -15.75 -4.19
C ILE B 125 -17.15 -15.98 -3.12
N CYS B 126 -17.55 -16.63 -2.02
CA CYS B 126 -16.62 -17.19 -1.05
C CYS B 126 -16.90 -18.68 -0.98
N SER B 127 -15.94 -19.48 -1.42
CA SER B 127 -16.14 -20.91 -1.64
C SER B 127 -15.77 -21.70 -0.39
N ILE B 128 -15.90 -23.02 -0.49
CA ILE B 128 -15.71 -23.93 0.63
C ILE B 128 -14.56 -24.88 0.30
N TYR B 129 -13.61 -25.00 1.23
CA TYR B 129 -12.48 -25.89 1.09
C TYR B 129 -12.52 -26.97 2.17
N ASN B 130 -12.23 -28.21 1.77
CA ASN B 130 -12.26 -29.36 2.67
C ASN B 130 -10.86 -29.63 3.20
N LEU B 131 -10.72 -29.64 4.52
CA LEU B 131 -9.44 -29.88 5.16
C LEU B 131 -9.31 -31.28 5.75
N LYS B 132 -10.36 -32.09 5.68
CA LYS B 132 -10.34 -33.46 6.16
C LYS B 132 -10.53 -34.44 5.00
N THR B 133 -9.90 -34.14 3.87
CA THR B 133 -10.00 -35.00 2.70
C THR B 133 -9.47 -36.39 3.01
N ARG B 134 -10.20 -37.41 2.57
CA ARG B 134 -9.71 -38.77 2.68
C ARG B 134 -8.62 -39.07 1.66
N GLU B 135 -8.65 -38.39 0.51
CA GLU B 135 -7.60 -38.58 -0.49
C GLU B 135 -6.31 -37.88 -0.10
N GLY B 136 -6.37 -36.91 0.81
CA GLY B 136 -5.21 -36.20 1.27
C GLY B 136 -4.91 -34.92 0.54
N ASN B 137 -5.59 -34.63 -0.56
CA ASN B 137 -5.39 -33.43 -1.35
C ASN B 137 -6.51 -32.44 -1.07
N VAL B 138 -6.15 -31.22 -0.71
CA VAL B 138 -7.14 -30.19 -0.43
C VAL B 138 -7.76 -29.72 -1.73
N ARG B 139 -9.09 -29.67 -1.78
CA ARG B 139 -9.82 -29.26 -2.98
C ARG B 139 -11.06 -28.49 -2.55
N VAL B 140 -11.55 -27.67 -3.48
CA VAL B 140 -12.76 -26.89 -3.24
C VAL B 140 -13.97 -27.81 -3.34
N SER B 141 -14.86 -27.72 -2.35
CA SER B 141 -16.04 -28.57 -2.29
C SER B 141 -17.28 -27.87 -2.81
N ARG B 142 -17.52 -26.63 -2.41
CA ARG B 142 -18.69 -25.87 -2.82
C ARG B 142 -18.34 -24.41 -3.02
N GLU B 143 -18.87 -23.83 -4.09
CA GLU B 143 -18.77 -22.39 -4.34
C GLU B 143 -20.19 -21.85 -4.43
N LEU B 144 -20.47 -20.80 -3.64
CA LEU B 144 -21.81 -20.25 -3.52
C LEU B 144 -21.93 -19.00 -4.38
N ALA B 145 -22.86 -19.02 -5.33
CA ALA B 145 -23.11 -17.90 -6.23
C ALA B 145 -24.53 -17.39 -6.03
N GLY B 146 -24.70 -16.10 -6.25
CA GLY B 146 -26.00 -15.47 -6.07
C GLY B 146 -25.89 -14.05 -5.56
N HIS B 147 -24.76 -13.72 -4.95
CA HIS B 147 -24.53 -12.35 -4.51
C HIS B 147 -24.32 -11.43 -5.71
N THR B 148 -24.72 -10.18 -5.55
CA THR B 148 -24.62 -9.21 -6.64
C THR B 148 -23.26 -8.50 -6.62
N GLY B 149 -22.93 -7.84 -5.51
CA GLY B 149 -21.69 -7.11 -5.39
C GLY B 149 -20.55 -7.97 -4.88
N TYR B 150 -19.42 -7.33 -4.65
CA TYR B 150 -18.26 -8.02 -4.13
C TYR B 150 -18.52 -8.52 -2.71
N LEU B 151 -17.94 -9.67 -2.38
CA LEU B 151 -18.12 -10.26 -1.06
C LEU B 151 -17.13 -9.64 -0.09
N SER B 152 -17.66 -9.02 0.97
CA SER B 152 -16.84 -8.33 1.95
C SER B 152 -16.47 -9.21 3.13
N CYS B 153 -17.37 -10.08 3.58
CA CYS B 153 -17.08 -10.95 4.70
C CYS B 153 -18.09 -12.09 4.80
N CYS B 154 -17.60 -13.33 4.84
CA CYS B 154 -18.45 -14.50 5.10
C CYS B 154 -17.84 -15.28 6.25
N ARG B 155 -18.54 -15.28 7.39
CA ARG B 155 -18.07 -15.90 8.62
C ARG B 155 -18.89 -17.16 8.90
N PHE B 156 -18.23 -18.20 9.37
CA PHE B 156 -18.89 -19.46 9.64
C PHE B 156 -19.84 -19.34 10.83
N LEU B 157 -20.90 -20.13 10.79
CA LEU B 157 -21.84 -20.27 11.90
C LEU B 157 -21.91 -21.70 12.39
N ASP B 158 -21.88 -22.67 11.48
CA ASP B 158 -21.88 -24.09 11.82
C ASP B 158 -21.35 -24.84 10.62
N ASP B 159 -20.97 -26.09 10.83
CA ASP B 159 -20.38 -26.88 9.75
C ASP B 159 -21.25 -26.93 8.50
N ASN B 160 -22.53 -26.57 8.60
CA ASN B 160 -23.41 -26.53 7.44
C ASN B 160 -24.01 -25.16 7.18
N GLN B 161 -23.97 -24.25 8.14
CA GLN B 161 -24.49 -22.90 7.97
C GLN B 161 -23.35 -21.89 7.92
N ILE B 162 -23.45 -20.92 7.02
CA ILE B 162 -22.45 -19.87 6.86
C ILE B 162 -23.17 -18.56 6.58
N VAL B 163 -22.65 -17.47 7.14
CA VAL B 163 -23.20 -16.14 6.95
C VAL B 163 -22.30 -15.38 5.99
N THR B 164 -22.85 -14.35 5.36
CA THR B 164 -22.11 -13.58 4.37
C THR B 164 -22.63 -12.14 4.33
N SER B 165 -21.79 -11.26 3.83
CA SER B 165 -22.16 -9.86 3.58
C SER B 165 -21.38 -9.38 2.38
N SER B 166 -22.10 -8.96 1.33
CA SER B 166 -21.50 -8.65 0.05
C SER B 166 -21.53 -7.14 -0.22
N GLY B 167 -21.11 -6.78 -1.44
CA GLY B 167 -21.06 -5.41 -1.89
C GLY B 167 -22.39 -4.85 -2.35
N ASP B 168 -23.46 -5.64 -2.26
CA ASP B 168 -24.78 -5.23 -2.72
C ASP B 168 -25.68 -4.78 -1.57
N THR B 169 -25.13 -4.55 -0.39
CA THR B 169 -25.92 -4.12 0.78
C THR B 169 -26.92 -5.21 1.17
N THR B 170 -26.42 -6.43 1.33
CA THR B 170 -27.28 -7.56 1.63
C THR B 170 -26.45 -8.67 2.24
N CYS B 171 -26.72 -9.00 3.51
CA CYS B 171 -26.17 -10.19 4.11
C CYS B 171 -26.95 -11.42 3.64
N ALA B 172 -26.41 -12.60 3.94
CA ALA B 172 -27.02 -13.83 3.43
C ALA B 172 -26.63 -15.01 4.32
N LEU B 173 -27.62 -15.83 4.65
CA LEU B 173 -27.42 -17.09 5.34
C LEU B 173 -27.61 -18.23 4.35
N TRP B 174 -26.55 -19.02 4.15
CA TRP B 174 -26.54 -20.07 3.15
C TRP B 174 -26.65 -21.44 3.83
N ASP B 175 -26.58 -22.48 3.00
CA ASP B 175 -26.55 -23.86 3.47
C ASP B 175 -25.66 -24.63 2.50
N ILE B 176 -24.45 -24.96 2.93
CA ILE B 176 -23.44 -25.46 2.00
C ILE B 176 -23.88 -26.77 1.36
N GLU B 177 -24.50 -27.67 2.13
CA GLU B 177 -24.88 -28.96 1.58
C GLU B 177 -25.75 -28.80 0.34
N THR B 178 -26.55 -27.73 0.30
CA THR B 178 -27.35 -27.42 -0.88
C THR B 178 -26.89 -26.16 -1.60
N GLY B 179 -26.16 -25.29 -0.92
CA GLY B 179 -25.66 -24.06 -1.54
C GLY B 179 -26.76 -23.13 -2.02
N GLN B 180 -27.84 -22.99 -1.24
CA GLN B 180 -28.95 -22.14 -1.61
C GLN B 180 -29.19 -21.12 -0.51
N GLN B 181 -29.41 -19.87 -0.91
CA GLN B 181 -29.78 -18.84 0.05
C GLN B 181 -31.06 -19.23 0.77
N THR B 182 -30.99 -19.31 2.10
CA THR B 182 -32.13 -19.67 2.91
C THR B 182 -32.81 -18.48 3.55
N THR B 183 -32.09 -17.37 3.74
CA THR B 183 -32.68 -16.15 4.26
C THR B 183 -31.86 -14.98 3.74
N THR B 184 -32.55 -13.86 3.50
CA THR B 184 -31.92 -12.66 2.97
C THR B 184 -32.12 -11.51 3.95
N PHE B 185 -31.02 -10.88 4.34
CA PHE B 185 -31.04 -9.73 5.24
C PHE B 185 -30.86 -8.46 4.41
N THR B 186 -31.89 -7.62 4.40
CA THR B 186 -31.88 -6.40 3.60
C THR B 186 -32.41 -5.24 4.45
N GLY B 187 -31.98 -4.04 4.07
CA GLY B 187 -32.39 -2.84 4.77
C GLY B 187 -31.24 -1.86 4.96
N HIS B 188 -30.05 -2.26 4.54
CA HIS B 188 -28.86 -1.42 4.69
C HIS B 188 -28.70 -0.52 3.47
N THR B 189 -28.56 0.78 3.72
CA THR B 189 -28.44 1.72 2.61
C THR B 189 -27.14 1.53 1.84
N GLY B 190 -26.02 1.48 2.56
CA GLY B 190 -24.71 1.42 1.95
C GLY B 190 -24.09 0.03 1.97
N ASP B 191 -22.81 0.00 1.62
CA ASP B 191 -22.06 -1.25 1.58
C ASP B 191 -21.93 -1.85 2.98
N VAL B 192 -21.77 -3.17 3.02
CA VAL B 192 -21.57 -3.91 4.27
C VAL B 192 -20.12 -4.37 4.31
N MET B 193 -19.44 -4.06 5.41
CA MET B 193 -18.01 -4.32 5.54
C MET B 193 -17.72 -5.54 6.42
N SER B 194 -18.22 -5.56 7.64
CA SER B 194 -17.87 -6.59 8.60
C SER B 194 -19.06 -6.94 9.47
N LEU B 195 -19.04 -8.15 10.03
CA LEU B 195 -20.06 -8.64 10.92
C LEU B 195 -19.42 -9.45 12.03
N SER B 196 -20.15 -9.62 13.13
CA SER B 196 -19.67 -10.38 14.28
C SER B 196 -20.81 -11.19 14.85
N LEU B 197 -20.71 -12.52 14.78
CA LEU B 197 -21.73 -13.38 15.33
C LEU B 197 -21.79 -13.25 16.84
N ALA B 198 -22.94 -13.62 17.40
CA ALA B 198 -23.09 -13.59 18.85
C ALA B 198 -22.61 -14.91 19.44
N PRO B 199 -22.09 -14.90 20.67
CA PRO B 199 -21.73 -16.17 21.32
C PRO B 199 -22.91 -17.12 21.44
N ASP B 200 -24.12 -16.60 21.56
CA ASP B 200 -25.32 -17.42 21.57
C ASP B 200 -25.75 -17.85 20.17
N THR B 201 -25.06 -17.38 19.13
CA THR B 201 -25.34 -17.71 17.74
C THR B 201 -26.83 -17.68 17.43
N ARG B 202 -27.56 -16.75 18.07
CA ARG B 202 -28.94 -16.48 17.72
C ARG B 202 -29.12 -15.08 17.14
N LEU B 203 -28.05 -14.30 17.03
CA LEU B 203 -28.10 -12.95 16.51
C LEU B 203 -26.76 -12.64 15.86
N PHE B 204 -26.70 -11.49 15.21
CA PHE B 204 -25.43 -10.96 14.74
C PHE B 204 -25.62 -9.52 14.29
N VAL B 205 -24.66 -8.67 14.61
CA VAL B 205 -24.70 -7.25 14.29
C VAL B 205 -23.76 -6.98 13.13
N SER B 206 -24.16 -6.05 12.26
CA SER B 206 -23.41 -5.74 11.06
C SER B 206 -23.24 -4.23 10.94
N GLY B 207 -22.10 -3.84 10.36
CA GLY B 207 -21.82 -2.44 10.07
C GLY B 207 -21.84 -2.21 8.57
N ALA B 208 -22.17 -0.99 8.17
CA ALA B 208 -22.31 -0.66 6.76
C ALA B 208 -21.73 0.71 6.49
N CYS B 209 -21.49 0.99 5.21
CA CYS B 209 -20.95 2.28 4.79
C CYS B 209 -22.06 3.31 4.67
N ASP B 210 -22.91 3.42 5.69
CA ASP B 210 -23.94 4.45 5.75
C ASP B 210 -24.08 5.00 7.15
N ALA B 211 -23.00 4.99 7.92
CA ALA B 211 -23.00 5.51 9.29
C ALA B 211 -24.12 4.87 10.11
N SER B 212 -24.15 3.55 10.12
CA SER B 212 -25.19 2.83 10.86
C SER B 212 -24.76 1.39 11.06
N ALA B 213 -25.35 0.76 12.08
CA ALA B 213 -25.18 -0.65 12.35
C ALA B 213 -26.54 -1.23 12.73
N LYS B 214 -26.76 -2.49 12.37
CA LYS B 214 -28.04 -3.14 12.57
C LYS B 214 -27.84 -4.47 13.28
N LEU B 215 -28.89 -4.89 13.99
CA LEU B 215 -28.91 -6.15 14.71
C LEU B 215 -30.02 -7.03 14.13
N TRP B 216 -29.68 -8.27 13.80
CA TRP B 216 -30.57 -9.17 13.10
C TRP B 216 -30.97 -10.34 14.01
N ASP B 217 -31.84 -11.20 13.48
CA ASP B 217 -32.19 -12.47 14.10
C ASP B 217 -32.00 -13.54 13.05
N VAL B 218 -31.11 -14.50 13.32
CA VAL B 218 -30.76 -15.49 12.31
C VAL B 218 -31.98 -16.35 11.95
N ARG B 219 -32.75 -16.77 12.95
CA ARG B 219 -33.88 -17.63 12.69
C ARG B 219 -35.01 -16.87 12.01
N GLU B 220 -35.28 -15.64 12.44
CA GLU B 220 -36.38 -14.85 11.89
C GLU B 220 -35.96 -13.93 10.75
N GLY B 221 -34.68 -13.62 10.64
CA GLY B 221 -34.18 -12.84 9.52
C GLY B 221 -34.83 -11.48 9.39
N MET B 222 -34.58 -10.58 10.34
CA MET B 222 -35.11 -9.23 10.28
C MET B 222 -34.33 -8.34 11.23
N CYS B 223 -34.12 -7.09 10.82
CA CYS B 223 -33.41 -6.14 11.67
C CYS B 223 -34.21 -5.86 12.92
N ARG B 224 -33.53 -5.86 14.08
CA ARG B 224 -34.18 -5.62 15.36
C ARG B 224 -33.93 -4.22 15.90
N GLN B 225 -32.79 -3.62 15.57
CA GLN B 225 -32.47 -2.29 16.07
C GLN B 225 -31.41 -1.67 15.17
N THR B 226 -31.22 -0.36 15.31
CA THR B 226 -30.24 0.38 14.53
C THR B 226 -29.57 1.42 15.41
N PHE B 227 -28.28 1.64 15.18
CA PHE B 227 -27.50 2.61 15.93
C PHE B 227 -26.71 3.48 14.97
N THR B 228 -26.68 4.79 15.24
CA THR B 228 -25.99 5.75 14.37
C THR B 228 -25.28 6.77 15.25
N GLY B 229 -23.96 6.69 15.29
CA GLY B 229 -23.18 7.65 16.06
C GLY B 229 -21.84 7.97 15.41
N HIS B 230 -21.65 7.55 14.16
CA HIS B 230 -20.38 7.70 13.47
C HIS B 230 -20.56 8.59 12.25
N GLU B 231 -19.59 9.49 12.04
CA GLU B 231 -19.68 10.42 10.93
C GLU B 231 -19.45 9.73 9.59
N SER B 232 -18.53 8.78 9.54
CA SER B 232 -18.12 8.13 8.30
C SER B 232 -18.45 6.65 8.37
N ASP B 233 -17.99 5.91 7.37
CA ASP B 233 -18.34 4.50 7.22
C ASP B 233 -17.83 3.70 8.42
N ILE B 234 -18.32 2.46 8.50
CA ILE B 234 -17.97 1.52 9.57
C ILE B 234 -17.17 0.40 8.95
N ASN B 235 -15.94 0.22 9.42
CA ASN B 235 -15.04 -0.78 8.85
C ASN B 235 -15.10 -2.10 9.60
N ALA B 236 -14.99 -2.08 10.93
CA ALA B 236 -14.90 -3.28 11.74
C ALA B 236 -15.98 -3.27 12.81
N ILE B 237 -16.40 -4.47 13.20
CA ILE B 237 -17.44 -4.65 14.22
C ILE B 237 -17.16 -5.95 14.95
N CYS B 238 -17.08 -5.88 16.27
CA CYS B 238 -16.82 -7.04 17.11
C CYS B 238 -17.83 -7.08 18.24
N PHE B 239 -18.08 -8.28 18.75
CA PHE B 239 -19.11 -8.50 19.76
C PHE B 239 -18.49 -8.64 21.14
N PHE B 240 -19.06 -7.94 22.11
CA PHE B 240 -18.65 -8.12 23.49
C PHE B 240 -18.92 -9.57 23.91
N PRO B 241 -18.03 -10.18 24.69
CA PRO B 241 -18.12 -11.64 24.88
C PRO B 241 -19.40 -12.08 25.57
N ASN B 242 -20.10 -11.20 26.27
CA ASN B 242 -21.34 -11.58 26.95
C ASN B 242 -22.58 -11.28 26.10
N GLY B 243 -22.40 -10.79 24.88
CA GLY B 243 -23.54 -10.55 24.00
C GLY B 243 -24.50 -9.50 24.50
N ASN B 244 -24.00 -8.45 25.17
CA ASN B 244 -24.83 -7.36 25.66
C ASN B 244 -24.26 -6.00 25.27
N ALA B 245 -23.30 -5.96 24.36
CA ALA B 245 -22.66 -4.72 23.95
C ALA B 245 -21.74 -5.03 22.77
N PHE B 246 -21.26 -3.97 22.14
CA PHE B 246 -20.36 -4.10 21.00
C PHE B 246 -19.84 -2.72 20.64
N ALA B 247 -18.70 -2.70 19.94
CA ALA B 247 -18.04 -1.46 19.56
C ALA B 247 -17.65 -1.55 18.09
N THR B 248 -17.53 -0.39 17.45
CA THR B 248 -17.22 -0.30 16.04
C THR B 248 -16.14 0.76 15.82
N GLY B 249 -15.39 0.59 14.73
CA GLY B 249 -14.37 1.54 14.36
C GLY B 249 -14.69 2.25 13.06
N SER B 250 -15.06 3.52 13.15
CA SER B 250 -15.37 4.32 11.97
C SER B 250 -14.10 4.86 11.35
N ASP B 251 -14.19 5.16 10.04
CA ASP B 251 -13.08 5.78 9.33
C ASP B 251 -12.80 7.20 9.82
N ASP B 252 -13.69 7.78 10.61
CA ASP B 252 -13.54 9.14 11.13
C ASP B 252 -12.56 9.22 12.29
N ALA B 253 -11.76 8.19 12.53
CA ALA B 253 -10.75 8.20 13.59
C ALA B 253 -11.40 8.26 14.98
N THR B 254 -12.34 7.36 15.21
CA THR B 254 -13.00 7.27 16.51
C THR B 254 -13.68 5.92 16.64
N CYS B 255 -13.63 5.37 17.85
CA CYS B 255 -14.27 4.11 18.17
C CYS B 255 -15.28 4.33 19.29
N ARG B 256 -16.46 3.73 19.14
CA ARG B 256 -17.54 3.91 20.09
C ARG B 256 -18.03 2.56 20.59
N LEU B 257 -18.56 2.57 21.82
CA LEU B 257 -19.09 1.38 22.46
C LEU B 257 -20.60 1.49 22.58
N PHE B 258 -21.30 0.45 22.14
CA PHE B 258 -22.75 0.43 22.11
C PHE B 258 -23.29 -0.63 23.05
N ASP B 259 -24.54 -0.45 23.46
CA ASP B 259 -25.25 -1.42 24.31
C ASP B 259 -26.56 -1.77 23.62
N LEU B 260 -26.98 -3.03 23.78
CA LEU B 260 -28.25 -3.45 23.18
C LEU B 260 -29.42 -3.12 24.11
N ARG B 261 -29.25 -3.33 25.41
CA ARG B 261 -30.34 -3.08 26.35
C ARG B 261 -30.65 -1.59 26.43
N ALA B 262 -29.63 -0.76 26.66
CA ALA B 262 -29.84 0.68 26.71
C ALA B 262 -30.02 1.29 25.33
N ASP B 263 -29.32 0.75 24.32
CA ASP B 263 -29.52 1.14 22.93
C ASP B 263 -28.93 2.52 22.62
N GLN B 264 -27.85 2.89 23.30
CA GLN B 264 -27.21 4.18 23.07
C GLN B 264 -25.70 3.99 22.95
N GLU B 265 -25.05 4.99 22.38
CA GLU B 265 -23.58 5.01 22.31
C GLU B 265 -23.04 5.28 23.69
N LEU B 266 -22.53 4.24 24.35
CA LEU B 266 -22.14 4.35 25.75
C LEU B 266 -20.92 5.26 25.91
N MET B 267 -19.89 5.05 25.10
CA MET B 267 -18.67 5.84 25.20
C MET B 267 -17.96 5.83 23.85
N THR B 268 -17.06 6.79 23.68
CA THR B 268 -16.29 6.96 22.46
C THR B 268 -14.82 7.03 22.78
N TYR B 269 -13.99 6.61 21.83
CA TYR B 269 -12.53 6.62 21.97
C TYR B 269 -11.95 7.46 20.85
N SER B 270 -11.38 8.62 21.21
CA SER B 270 -10.81 9.52 20.22
C SER B 270 -9.93 10.54 20.93
N HIS B 271 -8.79 10.84 20.32
CA HIS B 271 -7.86 11.83 20.84
C HIS B 271 -7.46 12.76 19.70
N ASP B 272 -7.05 13.98 20.07
CA ASP B 272 -6.68 14.96 19.06
C ASP B 272 -5.47 14.51 18.25
N ASN B 273 -4.52 13.79 18.88
CA ASN B 273 -3.28 13.42 18.20
C ASN B 273 -3.47 12.33 17.17
N ILE B 274 -4.63 11.68 17.12
CA ILE B 274 -4.90 10.62 16.15
C ILE B 274 -5.98 11.13 15.20
N ILE B 275 -5.67 11.12 13.90
CA ILE B 275 -6.58 11.66 12.89
C ILE B 275 -6.76 10.68 11.74
N CYS B 276 -6.32 9.44 11.91
CA CYS B 276 -6.37 8.44 10.87
C CYS B 276 -7.53 7.49 11.06
N GLY B 277 -7.85 6.76 9.99
CA GLY B 277 -8.98 5.85 10.02
C GLY B 277 -8.65 4.52 10.67
N ILE B 278 -9.69 3.86 11.17
CA ILE B 278 -9.57 2.56 11.82
C ILE B 278 -9.85 1.48 10.78
N THR B 279 -9.27 0.29 11.01
CA THR B 279 -9.44 -0.84 10.10
C THR B 279 -9.83 -2.14 10.78
N SER B 280 -9.65 -2.27 12.09
CA SER B 280 -9.99 -3.51 12.77
C SER B 280 -10.24 -3.21 14.24
N VAL B 281 -11.02 -4.09 14.88
CA VAL B 281 -11.33 -3.97 16.29
C VAL B 281 -11.54 -5.37 16.85
N SER B 282 -11.16 -5.55 18.12
CA SER B 282 -11.38 -6.81 18.82
C SER B 282 -11.36 -6.55 20.31
N PHE B 283 -11.87 -7.52 21.07
CA PHE B 283 -11.99 -7.42 22.51
C PHE B 283 -11.15 -8.48 23.17
N SER B 284 -10.43 -8.11 24.22
CA SER B 284 -9.71 -9.09 25.01
C SER B 284 -10.68 -9.97 25.78
N LYS B 285 -10.25 -11.19 26.08
CA LYS B 285 -11.15 -12.17 26.67
C LYS B 285 -11.81 -11.64 27.93
N SER B 286 -11.03 -11.02 28.82
CA SER B 286 -11.59 -10.48 30.05
C SER B 286 -12.61 -9.38 29.79
N GLY B 287 -12.56 -8.75 28.63
CA GLY B 287 -13.48 -7.67 28.30
C GLY B 287 -13.09 -6.31 28.81
N ARG B 288 -11.95 -6.18 29.49
CA ARG B 288 -11.50 -4.90 30.01
C ARG B 288 -10.60 -4.14 29.04
N LEU B 289 -10.00 -4.83 28.07
CA LEU B 289 -9.09 -4.22 27.11
C LEU B 289 -9.73 -4.23 25.73
N LEU B 290 -9.65 -3.10 25.04
CA LEU B 290 -10.17 -2.96 23.68
C LEU B 290 -9.00 -2.63 22.76
N LEU B 291 -8.88 -3.37 21.67
CA LEU B 291 -7.80 -3.21 20.71
C LEU B 291 -8.34 -2.54 19.44
N ALA B 292 -7.56 -1.58 18.91
CA ALA B 292 -7.94 -0.85 17.71
C ALA B 292 -6.75 -0.79 16.77
N GLY B 293 -6.98 -1.12 15.51
CA GLY B 293 -5.94 -1.05 14.50
C GLY B 293 -6.13 0.15 13.59
N TYR B 294 -5.31 1.17 13.77
CA TYR B 294 -5.45 2.42 13.02
C TYR B 294 -4.82 2.28 11.64
N ASP B 295 -4.81 3.39 10.89
CA ASP B 295 -4.27 3.42 9.54
C ASP B 295 -2.84 3.94 9.50
N ASP B 296 -2.26 4.33 10.63
CA ASP B 296 -0.90 4.86 10.68
C ASP B 296 0.13 3.80 11.06
N PHE B 297 -0.13 2.53 10.72
CA PHE B 297 0.86 1.47 10.87
C PHE B 297 1.13 1.13 12.33
N ASN B 298 0.06 1.09 13.13
CA ASN B 298 0.18 0.66 14.52
C ASN B 298 -1.21 0.43 15.09
N CYS B 299 -1.26 -0.29 16.20
CA CYS B 299 -2.50 -0.59 16.91
C CYS B 299 -2.46 0.06 18.29
N ASN B 300 -3.63 0.44 18.78
CA ASN B 300 -3.77 1.14 20.06
C ASN B 300 -4.66 0.33 20.99
N VAL B 301 -4.26 0.26 22.26
CA VAL B 301 -5.00 -0.47 23.29
C VAL B 301 -5.70 0.55 24.17
N TRP B 302 -7.02 0.42 24.30
CA TRP B 302 -7.85 1.35 25.02
C TRP B 302 -8.38 0.69 26.29
N ASP B 303 -8.34 1.42 27.40
CA ASP B 303 -8.96 0.96 28.64
C ASP B 303 -10.47 1.07 28.46
N ALA B 304 -11.11 -0.07 28.19
CA ALA B 304 -12.49 -0.06 27.71
C ALA B 304 -13.41 0.74 28.63
N LEU B 305 -13.30 0.52 29.95
CA LEU B 305 -14.23 1.13 30.89
C LEU B 305 -13.85 2.55 31.27
N LYS B 306 -12.71 3.06 30.82
CA LYS B 306 -12.30 4.43 31.11
C LYS B 306 -11.96 5.25 29.87
N ALA B 307 -11.80 4.63 28.70
CA ALA B 307 -11.53 5.33 27.46
C ALA B 307 -10.28 6.20 27.56
N ASP B 308 -9.21 5.63 28.11
CA ASP B 308 -7.91 6.26 28.17
C ASP B 308 -6.87 5.34 27.55
N ARG B 309 -5.87 5.93 26.89
CA ARG B 309 -4.86 5.14 26.21
C ARG B 309 -4.13 4.25 27.21
N ALA B 310 -4.34 2.94 27.08
CA ALA B 310 -3.63 1.98 27.90
C ALA B 310 -2.19 1.78 27.44
N GLY B 311 -1.96 1.77 26.14
CA GLY B 311 -0.62 1.58 25.61
C GLY B 311 -0.63 1.62 24.09
N VAL B 312 0.55 1.40 23.53
CA VAL B 312 0.75 1.42 22.08
C VAL B 312 1.35 0.10 21.65
N LEU B 313 1.03 -0.31 20.42
CA LEU B 313 1.57 -1.52 19.81
C LEU B 313 2.11 -1.14 18.43
N ALA B 314 3.35 -0.68 18.40
CA ALA B 314 4.01 -0.32 17.15
C ALA B 314 4.88 -1.46 16.65
N GLY B 315 5.41 -1.29 15.44
CA GLY B 315 6.31 -2.27 14.88
C GLY B 315 5.76 -2.95 13.63
N HIS B 316 4.91 -2.24 12.88
CA HIS B 316 4.39 -2.72 11.62
C HIS B 316 4.86 -1.80 10.50
N ASP B 317 5.45 -2.38 9.46
CA ASP B 317 5.98 -1.56 8.37
C ASP B 317 4.88 -0.80 7.66
N ASN B 318 3.75 -1.44 7.39
CA ASN B 318 2.67 -0.82 6.63
C ASN B 318 1.34 -0.91 7.35
N ARG B 319 0.26 -0.54 6.67
CA ARG B 319 -1.06 -0.49 7.29
C ARG B 319 -1.45 -1.82 7.91
N VAL B 320 -2.04 -1.77 9.09
CA VAL B 320 -2.54 -2.95 9.77
C VAL B 320 -4.00 -3.13 9.36
N SER B 321 -4.26 -4.14 8.54
CA SER B 321 -5.60 -4.37 8.01
C SER B 321 -6.47 -5.15 8.98
N CYS B 322 -6.02 -6.34 9.37
CA CYS B 322 -6.79 -7.27 10.18
C CYS B 322 -6.25 -7.31 11.61
N LEU B 323 -6.95 -8.04 12.46
CA LEU B 323 -6.59 -8.17 13.88
C LEU B 323 -7.51 -9.21 14.51
N GLY B 324 -7.02 -9.83 15.57
CA GLY B 324 -7.82 -10.83 16.27
C GLY B 324 -7.15 -11.28 17.54
N VAL B 325 -7.97 -11.81 18.45
CA VAL B 325 -7.52 -12.33 19.74
C VAL B 325 -7.97 -13.78 19.85
N THR B 326 -7.07 -14.65 20.30
CA THR B 326 -7.37 -16.06 20.40
C THR B 326 -8.60 -16.29 21.27
N ASP B 327 -9.17 -17.49 21.16
CA ASP B 327 -10.36 -17.81 21.92
C ASP B 327 -10.11 -17.75 23.42
N ASP B 328 -8.97 -18.23 23.87
CA ASP B 328 -8.62 -18.26 25.28
C ASP B 328 -8.01 -16.95 25.77
N GLY B 329 -7.94 -15.92 24.92
CA GLY B 329 -7.36 -14.66 25.33
C GLY B 329 -5.89 -14.78 25.68
N MET B 330 -5.15 -15.57 24.93
CA MET B 330 -3.72 -15.78 25.15
C MET B 330 -2.86 -14.90 24.25
N ALA B 331 -3.03 -15.01 22.93
CA ALA B 331 -2.18 -14.34 21.97
C ALA B 331 -3.02 -13.47 21.05
N VAL B 332 -2.42 -12.37 20.60
CA VAL B 332 -3.07 -11.43 19.68
C VAL B 332 -2.29 -11.46 18.37
N ALA B 333 -3.02 -11.65 17.27
CA ALA B 333 -2.43 -11.71 15.94
C ALA B 333 -2.91 -10.53 15.11
N THR B 334 -1.96 -9.87 14.44
CA THR B 334 -2.27 -8.71 13.61
C THR B 334 -1.55 -8.83 12.28
N GLY B 335 -2.32 -8.79 11.20
CA GLY B 335 -1.75 -8.77 9.86
C GLY B 335 -1.77 -7.36 9.30
N SER B 336 -0.95 -7.09 8.29
CA SER B 336 -0.80 -5.73 7.79
C SER B 336 -0.52 -5.77 6.29
N TRP B 337 -0.31 -4.58 5.72
CA TRP B 337 -0.09 -4.43 4.29
C TRP B 337 1.34 -4.78 3.87
N ASP B 338 2.24 -5.02 4.82
CA ASP B 338 3.60 -5.43 4.50
C ASP B 338 3.72 -6.93 4.32
N SER B 339 2.62 -7.67 4.44
CA SER B 339 2.61 -9.12 4.19
C SER B 339 3.27 -9.89 5.34
N PHE B 340 3.17 -9.38 6.57
CA PHE B 340 3.73 -10.04 7.74
C PHE B 340 2.68 -10.12 8.84
N LEU B 341 2.67 -11.25 9.53
CA LEU B 341 1.82 -11.49 10.69
C LEU B 341 2.69 -11.54 11.94
N LYS B 342 2.35 -10.72 12.93
CA LYS B 342 3.10 -10.63 14.17
C LYS B 342 2.19 -10.99 15.34
N ILE B 343 2.62 -11.97 16.13
CA ILE B 343 1.85 -12.44 17.29
C ILE B 343 2.39 -11.76 18.54
N TRP B 344 1.48 -11.25 19.36
CA TRP B 344 1.85 -10.50 20.56
C TRP B 344 1.32 -11.23 21.78
N ASN B 345 2.18 -11.37 22.80
CA ASN B 345 1.81 -12.06 24.02
C ASN B 345 0.58 -11.43 24.66
N GLN C 11 -41.99 1.51 -1.07
CA GLN C 11 -40.86 2.48 -1.12
C GLN C 11 -40.50 2.94 0.30
N ALA C 12 -41.15 4.01 0.77
CA ALA C 12 -40.93 4.47 2.14
C ALA C 12 -41.79 3.73 3.16
N ARG C 13 -42.77 2.96 2.70
CA ARG C 13 -43.61 2.21 3.63
C ARG C 13 -42.79 1.20 4.43
N LYS C 14 -41.82 0.55 3.79
CA LYS C 14 -40.96 -0.39 4.50
C LYS C 14 -40.16 0.32 5.58
N LEU C 15 -39.62 1.50 5.27
CA LEU C 15 -38.87 2.26 6.26
C LEU C 15 -39.77 2.67 7.43
N VAL C 16 -40.99 3.11 7.13
CA VAL C 16 -41.92 3.48 8.18
C VAL C 16 -42.23 2.28 9.06
N GLU C 17 -42.46 1.12 8.45
CA GLU C 17 -42.73 -0.08 9.23
C GLU C 17 -41.54 -0.46 10.11
N GLN C 18 -40.32 -0.36 9.57
CA GLN C 18 -39.14 -0.67 10.35
C GLN C 18 -39.01 0.28 11.54
N LEU C 19 -39.27 1.57 11.32
CA LEU C 19 -39.23 2.52 12.43
C LEU C 19 -40.29 2.18 13.47
N LYS C 20 -41.49 1.82 13.02
CA LYS C 20 -42.54 1.43 13.96
C LYS C 20 -42.12 0.22 14.80
N MET C 21 -41.55 -0.79 14.15
CA MET C 21 -41.09 -1.96 14.89
C MET C 21 -40.01 -1.58 15.90
N GLU C 22 -39.04 -0.75 15.48
CA GLU C 22 -37.99 -0.33 16.40
C GLU C 22 -38.53 0.52 17.53
N ALA C 23 -39.69 1.17 17.35
CA ALA C 23 -40.23 2.02 18.40
C ALA C 23 -40.51 1.24 19.67
N ASN C 24 -41.09 0.03 19.53
CA ASN C 24 -41.47 -0.78 20.68
C ASN C 24 -40.25 -1.57 21.14
N ILE C 25 -39.40 -0.91 21.93
CA ILE C 25 -38.19 -1.52 22.47
C ILE C 25 -38.04 -1.07 23.91
N ASP C 26 -38.33 -1.96 24.85
CA ASP C 26 -38.13 -1.66 26.26
C ASP C 26 -36.67 -1.35 26.51
N ARG C 27 -36.41 -0.32 27.32
CA ARG C 27 -35.06 0.19 27.55
C ARG C 27 -34.68 0.02 29.02
N ILE C 28 -33.38 0.16 29.27
CA ILE C 28 -32.79 -0.05 30.58
C ILE C 28 -32.01 1.19 30.98
N LYS C 29 -31.91 1.44 32.28
CA LYS C 29 -31.12 2.57 32.76
C LYS C 29 -29.66 2.41 32.34
N VAL C 30 -29.10 3.48 31.78
CA VAL C 30 -27.70 3.45 31.37
C VAL C 30 -26.80 3.24 32.57
N SER C 31 -27.20 3.76 33.73
CA SER C 31 -26.44 3.49 34.96
C SER C 31 -26.42 2.01 35.26
N LYS C 32 -27.56 1.34 35.11
CA LYS C 32 -27.60 -0.11 35.34
C LYS C 32 -26.75 -0.84 34.31
N ALA C 33 -26.78 -0.41 33.05
CA ALA C 33 -25.95 -1.04 32.03
C ALA C 33 -24.47 -0.90 32.36
N ALA C 34 -24.05 0.31 32.76
CA ALA C 34 -22.66 0.52 33.14
C ALA C 34 -22.28 -0.34 34.33
N ALA C 35 -23.15 -0.42 35.33
CA ALA C 35 -22.88 -1.27 36.48
C ALA C 35 -22.74 -2.73 36.07
N ASP C 36 -23.59 -3.19 35.17
CA ASP C 36 -23.51 -4.58 34.70
C ASP C 36 -22.18 -4.83 34.01
N LEU C 37 -21.78 -3.92 33.11
CA LEU C 37 -20.52 -4.10 32.40
C LEU C 37 -19.34 -4.09 33.38
N MET C 38 -19.35 -3.16 34.33
CA MET C 38 -18.27 -3.08 35.31
C MET C 38 -18.22 -4.35 36.16
N ALA C 39 -19.37 -4.85 36.58
CA ALA C 39 -19.40 -6.08 37.37
C ALA C 39 -18.87 -7.26 36.57
N TYR C 40 -19.23 -7.34 35.29
CA TYR C 40 -18.72 -8.44 34.46
C TYR C 40 -17.20 -8.36 34.34
N CYS C 41 -16.68 -7.16 34.09
CA CYS C 41 -15.23 -7.02 33.96
C CYS C 41 -14.52 -7.34 35.26
N GLU C 42 -15.09 -6.92 36.39
CA GLU C 42 -14.50 -7.25 37.68
C GLU C 42 -14.54 -8.74 37.95
N ALA C 43 -15.65 -9.41 37.61
CA ALA C 43 -15.77 -10.84 37.86
C ALA C 43 -14.76 -11.62 37.03
N HIS C 44 -14.67 -11.33 35.74
CA HIS C 44 -13.71 -12.02 34.87
C HIS C 44 -12.40 -11.26 34.78
N ALA C 45 -11.78 -11.01 35.94
CA ALA C 45 -10.55 -10.24 36.03
C ALA C 45 -9.31 -11.11 36.15
N LYS C 46 -9.27 -11.98 37.16
CA LYS C 46 -8.06 -12.77 37.43
C LYS C 46 -7.73 -13.74 36.30
N GLU C 47 -8.65 -14.00 35.37
CA GLU C 47 -8.43 -14.90 34.26
C GLU C 47 -8.17 -14.15 32.95
N ASP C 48 -7.42 -13.05 33.02
CA ASP C 48 -7.10 -12.23 31.85
C ASP C 48 -5.61 -12.36 31.56
N PRO C 49 -5.20 -13.23 30.63
CA PRO C 49 -3.77 -13.37 30.36
C PRO C 49 -3.13 -12.10 29.83
N LEU C 50 -3.78 -11.40 28.90
CA LEU C 50 -3.20 -10.18 28.35
C LEU C 50 -2.99 -9.14 29.44
N LEU C 51 -4.02 -8.90 30.25
CA LEU C 51 -3.87 -7.98 31.38
C LEU C 51 -2.94 -8.54 32.42
N THR C 52 -3.06 -9.83 32.74
CA THR C 52 -2.29 -10.45 33.81
C THR C 52 -1.17 -11.31 33.23
N PRO C 53 0.09 -10.90 33.33
CA PRO C 53 1.17 -11.74 32.80
C PRO C 53 1.31 -13.04 33.57
N VAL C 54 1.78 -14.06 32.88
CA VAL C 54 1.95 -15.39 33.46
C VAL C 54 3.37 -15.86 33.21
N PRO C 55 3.87 -16.79 34.03
CA PRO C 55 5.25 -17.26 33.84
C PRO C 55 5.44 -17.94 32.50
N ALA C 56 6.71 -18.11 32.13
CA ALA C 56 7.04 -18.69 30.83
C ALA C 56 6.53 -20.12 30.70
N SER C 57 6.51 -20.87 31.81
CA SER C 57 6.08 -22.26 31.73
C SER C 57 4.63 -22.37 31.25
N GLU C 58 3.75 -21.51 31.75
CA GLU C 58 2.36 -21.52 31.34
C GLU C 58 2.11 -20.80 30.02
N ASN C 59 3.06 -20.00 29.55
CA ASN C 59 2.90 -19.25 28.31
C ASN C 59 3.72 -19.90 27.21
N PRO C 60 3.11 -20.39 26.12
CA PRO C 60 3.88 -21.07 25.07
C PRO C 60 4.56 -20.14 24.07
N PHE C 61 4.63 -18.84 24.36
CA PHE C 61 5.24 -17.89 23.42
C PHE C 61 4.63 -17.99 22.04
N ARG C 62 3.30 -18.16 21.99
CA ARG C 62 2.59 -18.28 20.73
C ARG C 62 1.09 -18.10 20.92
N GLU D 20 10.51 -40.47 23.24
CA GLU D 20 9.45 -39.44 22.99
C GLU D 20 8.36 -39.99 22.08
N ASP D 21 8.75 -40.45 20.90
CA ASP D 21 7.84 -41.01 19.91
C ASP D 21 6.78 -40.01 19.44
N GLN D 22 6.93 -38.74 19.77
CA GLN D 22 6.06 -37.68 19.29
C GLN D 22 6.76 -36.76 18.30
N ARG D 23 8.08 -36.86 18.19
CA ARG D 23 8.83 -36.05 17.23
C ARG D 23 8.63 -36.52 15.79
N ASN D 24 8.02 -37.69 15.59
CA ASN D 24 7.70 -38.11 14.22
C ASN D 24 6.73 -37.14 13.57
N GLU D 25 5.74 -36.66 14.33
CA GLU D 25 4.87 -35.61 13.83
C GLU D 25 5.67 -34.37 13.46
N GLU D 26 6.70 -34.04 14.25
CA GLU D 26 7.54 -32.89 13.94
C GLU D 26 8.30 -33.12 12.63
N LYS D 27 8.80 -34.34 12.42
CA LYS D 27 9.49 -34.63 11.16
C LYS D 27 8.55 -34.49 9.97
N ALA D 28 7.32 -35.01 10.10
CA ALA D 28 6.34 -34.86 9.03
C ALA D 28 6.02 -33.40 8.79
N GLN D 29 5.88 -32.62 9.87
CA GLN D 29 5.63 -31.19 9.75
C GLN D 29 6.77 -30.49 9.01
N ARG D 30 8.01 -30.85 9.33
CA ARG D 30 9.15 -30.25 8.66
C ARG D 30 9.16 -30.60 7.18
N GLU D 31 8.85 -31.85 6.84
CA GLU D 31 8.80 -32.24 5.42
C GLU D 31 7.72 -31.44 4.69
N ALA D 32 6.53 -31.33 5.29
CA ALA D 32 5.46 -30.57 4.66
C ALA D 32 5.84 -29.11 4.49
N ASN D 33 6.47 -28.52 5.51
CA ASN D 33 6.91 -27.14 5.42
C ASN D 33 7.94 -26.96 4.31
N LYS D 34 8.87 -27.90 4.19
CA LYS D 34 9.88 -27.81 3.14
C LYS D 34 9.23 -27.86 1.77
N LYS D 35 8.28 -28.77 1.57
CA LYS D 35 7.60 -28.85 0.28
C LYS D 35 6.83 -27.55 0.00
N ILE D 36 6.16 -27.02 1.02
CA ILE D 36 5.37 -25.80 0.83
C ILE D 36 6.29 -24.65 0.43
N GLU D 37 7.43 -24.50 1.11
CA GLU D 37 8.36 -23.44 0.76
C GLU D 37 8.94 -23.64 -0.64
N LYS D 38 9.24 -24.89 -1.00
CA LYS D 38 9.79 -25.14 -2.33
C LYS D 38 8.80 -24.71 -3.41
N GLN D 39 7.52 -25.04 -3.25
CA GLN D 39 6.53 -24.60 -4.22
C GLN D 39 6.33 -23.09 -4.17
N LEU D 40 6.33 -22.51 -2.96
CA LEU D 40 6.09 -21.09 -2.81
C LEU D 40 7.19 -20.26 -3.46
N GLN D 41 8.42 -20.77 -3.49
CA GLN D 41 9.50 -20.04 -4.15
C GLN D 41 9.19 -19.86 -5.65
N LYS D 42 8.78 -20.94 -6.31
CA LYS D 42 8.39 -20.84 -7.72
C LYS D 42 7.20 -19.92 -7.89
N ASP D 43 6.21 -20.04 -7.01
CA ASP D 43 5.03 -19.19 -7.11
C ASP D 43 5.42 -17.72 -7.00
N LYS D 44 6.28 -17.39 -6.04
CA LYS D 44 6.74 -16.02 -5.87
C LYS D 44 7.51 -15.54 -7.09
N GLN D 45 8.38 -16.39 -7.64
CA GLN D 45 9.12 -16.00 -8.83
C GLN D 45 8.17 -15.63 -9.95
N VAL D 46 7.17 -16.48 -10.21
CA VAL D 46 6.23 -16.20 -11.29
C VAL D 46 5.45 -14.92 -10.99
N TYR D 47 5.01 -14.74 -9.74
CA TYR D 47 4.20 -13.58 -9.41
C TYR D 47 4.99 -12.29 -9.58
N ARG D 48 6.27 -12.29 -9.19
CA ARG D 48 7.12 -11.13 -9.50
C ARG D 48 7.26 -10.95 -11.01
N ALA D 49 7.40 -12.05 -11.75
CA ALA D 49 7.59 -11.94 -13.19
C ALA D 49 6.42 -11.25 -13.86
N THR D 50 5.20 -11.63 -13.49
CA THR D 50 4.03 -11.07 -14.14
C THR D 50 3.85 -9.59 -13.82
N HIS D 51 3.28 -8.85 -14.76
CA HIS D 51 2.97 -7.43 -14.61
C HIS D 51 1.46 -7.25 -14.61
N ARG D 52 0.95 -6.45 -13.68
CA ARG D 52 -0.48 -6.29 -13.48
C ARG D 52 -0.91 -4.86 -13.81
N LEU D 53 -2.03 -4.73 -14.51
CA LEU D 53 -2.59 -3.46 -14.91
C LEU D 53 -4.07 -3.40 -14.57
N LEU D 54 -4.54 -2.21 -14.23
CA LEU D 54 -5.94 -1.97 -13.91
C LEU D 54 -6.57 -1.12 -15.01
N LEU D 55 -7.65 -1.63 -15.60
CA LEU D 55 -8.36 -0.93 -16.66
C LEU D 55 -9.47 -0.06 -16.05
N LEU D 56 -9.75 1.06 -16.71
CA LEU D 56 -10.77 1.99 -16.24
C LEU D 56 -11.30 2.80 -17.42
N GLY D 57 -12.45 3.41 -17.22
CA GLY D 57 -13.10 4.22 -18.23
C GLY D 57 -14.61 4.08 -18.13
N ALA D 58 -15.30 5.08 -18.68
CA ALA D 58 -16.76 5.07 -18.66
C ALA D 58 -17.30 3.93 -19.52
N ASP D 59 -18.51 3.49 -19.21
CA ASP D 59 -19.11 2.36 -19.92
C ASP D 59 -19.30 2.70 -21.40
N ASN D 60 -19.12 1.70 -22.24
CA ASN D 60 -19.27 1.84 -23.69
C ASN D 60 -18.35 2.94 -24.23
N SER D 61 -17.06 2.75 -23.99
CA SER D 61 -16.03 3.70 -24.43
C SER D 61 -14.83 2.94 -24.97
N GLY D 62 -15.08 1.85 -25.70
CA GLY D 62 -13.99 1.02 -26.17
C GLY D 62 -13.16 0.39 -25.06
N LYS D 63 -13.66 0.37 -23.83
CA LYS D 63 -12.89 -0.14 -22.72
C LYS D 63 -12.55 -1.61 -22.91
N SER D 64 -13.52 -2.41 -23.35
CA SER D 64 -13.31 -3.83 -23.54
C SER D 64 -12.71 -4.16 -24.91
N THR D 65 -12.34 -3.14 -25.69
CA THR D 65 -11.81 -3.38 -27.03
C THR D 65 -10.62 -2.48 -27.37
N ILE D 66 -9.99 -1.85 -26.38
CA ILE D 66 -8.79 -1.04 -26.66
C ILE D 66 -7.76 -1.91 -27.38
N VAL D 67 -7.54 -3.13 -26.89
CA VAL D 67 -6.63 -4.08 -27.50
C VAL D 67 -7.45 -5.13 -28.24
N LYS D 68 -7.07 -5.42 -29.48
CA LYS D 68 -7.77 -6.42 -30.27
C LYS D 68 -7.67 -7.82 -29.68
N GLN D 69 -6.89 -8.01 -28.61
CA GLN D 69 -6.70 -9.30 -27.98
C GLN D 69 -5.87 -10.24 -28.83
N MET D 70 -5.03 -9.70 -29.73
CA MET D 70 -4.20 -10.51 -30.60
C MET D 70 -2.99 -11.02 -29.80
N ARG D 71 -3.27 -11.98 -28.93
CA ARG D 71 -2.23 -12.60 -28.11
C ARG D 71 -2.79 -13.78 -27.33
N GLY D 85 -11.64 -7.19 -11.69
CA GLY D 85 -12.39 -7.85 -10.64
C GLY D 85 -13.08 -9.10 -11.12
N ILE D 86 -13.59 -9.06 -12.35
CA ILE D 86 -14.28 -10.19 -12.95
C ILE D 86 -13.55 -10.60 -14.23
N PHE D 87 -13.30 -9.63 -15.11
CA PHE D 87 -12.63 -9.91 -16.37
C PHE D 87 -11.12 -9.73 -16.24
N GLU D 88 -10.39 -10.68 -16.80
CA GLU D 88 -8.93 -10.60 -16.87
C GLU D 88 -8.51 -10.91 -18.30
N THR D 89 -7.35 -10.40 -18.69
CA THR D 89 -6.78 -10.66 -20.00
C THR D 89 -5.32 -11.03 -19.85
N LYS D 90 -4.83 -11.82 -20.80
CA LYS D 90 -3.44 -12.28 -20.80
C LYS D 90 -2.88 -12.11 -22.20
N PHE D 91 -2.03 -11.10 -22.38
CA PHE D 91 -1.32 -10.86 -23.63
C PHE D 91 0.17 -10.73 -23.32
N GLN D 92 1.01 -11.28 -24.18
CA GLN D 92 2.45 -11.24 -24.02
C GLN D 92 3.08 -10.52 -25.20
N VAL D 93 4.00 -9.60 -24.90
CA VAL D 93 4.73 -8.85 -25.92
C VAL D 93 6.22 -9.00 -25.65
N ASP D 94 6.97 -9.41 -26.67
CA ASP D 94 8.42 -9.56 -26.56
C ASP D 94 8.80 -10.36 -25.32
N LYS D 95 8.14 -11.50 -25.16
CA LYS D 95 8.41 -12.42 -24.05
C LYS D 95 8.25 -11.70 -22.70
N VAL D 96 7.24 -10.84 -22.61
CA VAL D 96 6.87 -10.20 -21.36
C VAL D 96 5.36 -10.38 -21.18
N ASN D 97 4.95 -10.87 -20.01
CA ASN D 97 3.56 -11.17 -19.73
C ASN D 97 2.90 -10.01 -19.00
N PHE D 98 1.69 -9.66 -19.42
CA PHE D 98 0.94 -8.56 -18.85
C PHE D 98 -0.43 -9.06 -18.39
N HIS D 99 -0.87 -8.53 -17.24
CA HIS D 99 -2.12 -8.95 -16.60
C HIS D 99 -3.00 -7.73 -16.44
N MET D 100 -4.06 -7.65 -17.24
CA MET D 100 -5.00 -6.53 -17.21
C MET D 100 -6.34 -7.01 -16.68
N PHE D 101 -6.88 -6.28 -15.70
CA PHE D 101 -8.13 -6.63 -15.06
C PHE D 101 -9.20 -5.59 -15.39
N ASP D 102 -10.42 -6.08 -15.60
CA ASP D 102 -11.56 -5.23 -15.91
C ASP D 102 -12.62 -5.43 -14.83
N VAL D 103 -12.72 -4.47 -13.92
CA VAL D 103 -13.73 -4.49 -12.85
C VAL D 103 -15.04 -4.02 -13.49
N GLY D 104 -15.90 -4.96 -13.87
CA GLY D 104 -17.13 -4.63 -14.55
C GLY D 104 -18.33 -5.40 -14.04
N GLY D 105 -18.32 -5.76 -12.75
CA GLY D 105 -19.42 -6.50 -12.16
C GLY D 105 -19.96 -5.87 -10.89
N GLN D 106 -19.21 -4.91 -10.33
CA GLN D 106 -19.57 -4.31 -9.05
C GLN D 106 -20.47 -3.09 -9.25
N ARG D 107 -21.01 -2.62 -8.14
CA ARG D 107 -21.95 -1.50 -8.16
C ARG D 107 -21.21 -0.20 -8.47
N ASP D 108 -21.98 0.89 -8.54
CA ASP D 108 -21.41 2.18 -8.90
C ASP D 108 -20.49 2.72 -7.81
N GLU D 109 -20.82 2.47 -6.55
CA GLU D 109 -19.96 2.92 -5.46
C GLU D 109 -18.55 2.35 -5.63
N ARG D 110 -17.54 3.20 -5.41
CA ARG D 110 -16.18 2.87 -5.78
C ARG D 110 -15.14 3.14 -4.68
N ARG D 111 -15.47 3.92 -3.66
CA ARG D 111 -14.45 4.40 -2.73
C ARG D 111 -13.91 3.30 -1.82
N LYS D 112 -14.33 2.05 -1.97
CA LYS D 112 -13.87 0.98 -1.09
C LYS D 112 -13.12 -0.12 -1.82
N TRP D 113 -13.64 -0.60 -2.95
CA TRP D 113 -12.94 -1.63 -3.70
C TRP D 113 -11.84 -1.08 -4.59
N ILE D 114 -11.76 0.25 -4.75
CA ILE D 114 -10.65 0.84 -5.50
C ILE D 114 -9.34 0.64 -4.76
N GLN D 115 -9.38 0.67 -3.42
CA GLN D 115 -8.16 0.57 -2.64
C GLN D 115 -7.45 -0.76 -2.82
N CYS D 116 -8.12 -1.76 -3.38
CA CYS D 116 -7.53 -3.08 -3.59
C CYS D 116 -6.61 -3.14 -4.79
N PHE D 117 -6.22 -2.00 -5.35
CA PHE D 117 -5.35 -1.93 -6.53
C PHE D 117 -4.26 -0.90 -6.32
N ASN D 118 -3.81 -0.72 -5.07
CA ASN D 118 -2.81 0.29 -4.74
C ASN D 118 -1.39 -0.18 -5.00
N ASP D 119 -1.21 -1.36 -5.59
CA ASP D 119 0.12 -1.91 -5.85
C ASP D 119 0.18 -2.52 -7.24
N VAL D 120 -0.38 -1.81 -8.23
CA VAL D 120 -0.35 -2.25 -9.61
C VAL D 120 0.74 -1.47 -10.34
N THR D 121 1.15 -1.98 -11.50
CA THR D 121 2.17 -1.31 -12.28
C THR D 121 1.71 0.08 -12.71
N ALA D 122 0.48 0.17 -13.21
CA ALA D 122 -0.10 1.44 -13.63
C ALA D 122 -1.58 1.22 -13.90
N ILE D 123 -2.32 2.33 -14.00
CA ILE D 123 -3.75 2.30 -14.23
C ILE D 123 -4.02 2.82 -15.63
N ILE D 124 -4.70 2.02 -16.44
CA ILE D 124 -5.07 2.42 -17.80
C ILE D 124 -6.39 3.15 -17.74
N PHE D 125 -6.42 4.36 -18.30
CA PHE D 125 -7.61 5.20 -18.33
C PHE D 125 -8.06 5.40 -19.76
N VAL D 126 -9.30 5.04 -20.04
CA VAL D 126 -9.90 5.17 -21.37
C VAL D 126 -11.08 6.11 -21.27
N VAL D 127 -11.09 7.15 -22.10
CA VAL D 127 -12.14 8.17 -22.09
C VAL D 127 -12.44 8.55 -23.53
N ASP D 128 -13.72 8.52 -23.90
CA ASP D 128 -14.12 8.90 -25.24
C ASP D 128 -13.99 10.41 -25.44
N SER D 129 -13.86 10.81 -26.70
CA SER D 129 -13.59 12.20 -27.04
C SER D 129 -14.81 12.92 -27.62
N SER D 130 -15.78 12.19 -28.15
CA SER D 130 -16.91 12.82 -28.83
C SER D 130 -18.15 12.99 -27.95
N ASP D 131 -18.07 12.61 -26.67
CA ASP D 131 -19.19 12.76 -25.74
C ASP D 131 -18.87 13.92 -24.81
N TYR D 132 -19.19 15.13 -25.27
CA TYR D 132 -18.88 16.33 -24.49
C TYR D 132 -19.66 16.37 -23.19
N ASN D 133 -20.78 15.67 -23.11
CA ASN D 133 -21.61 15.69 -21.91
C ASN D 133 -20.99 14.86 -20.79
N ARG D 134 -20.47 13.68 -21.12
CA ARG D 134 -19.80 12.83 -20.14
C ARG D 134 -18.33 13.16 -19.98
N LEU D 135 -17.79 14.04 -20.82
CA LEU D 135 -16.39 14.40 -20.70
C LEU D 135 -16.10 15.04 -19.34
N GLN D 136 -16.99 15.90 -18.86
CA GLN D 136 -16.78 16.54 -17.57
C GLN D 136 -16.75 15.52 -16.44
N GLU D 137 -17.66 14.54 -16.49
CA GLU D 137 -17.62 13.46 -15.50
C GLU D 137 -16.29 12.73 -15.57
N ALA D 138 -15.78 12.52 -16.79
CA ALA D 138 -14.48 11.87 -16.93
C ALA D 138 -13.37 12.69 -16.28
N LEU D 139 -13.34 14.00 -16.53
CA LEU D 139 -12.37 14.84 -15.85
C LEU D 139 -12.46 14.72 -14.34
N ASN D 140 -13.68 14.80 -13.80
CA ASN D 140 -13.81 14.76 -12.35
C ASN D 140 -13.35 13.42 -11.78
N LEU D 141 -13.74 12.31 -12.42
CA LEU D 141 -13.31 11.01 -11.95
C LEU D 141 -11.80 10.87 -12.01
N PHE D 142 -11.18 11.33 -13.10
CA PHE D 142 -9.74 11.24 -13.23
C PHE D 142 -9.04 12.07 -12.16
N LYS D 143 -9.56 13.27 -11.88
CA LYS D 143 -8.98 14.11 -10.84
C LYS D 143 -9.06 13.43 -9.48
N SER D 144 -10.22 12.85 -9.17
CA SER D 144 -10.36 12.15 -7.89
C SER D 144 -9.39 10.98 -7.80
N ILE D 145 -9.23 10.22 -8.88
CA ILE D 145 -8.28 9.12 -8.88
C ILE D 145 -6.87 9.64 -8.64
N TRP D 146 -6.51 10.73 -9.30
CA TRP D 146 -5.18 11.31 -9.12
C TRP D 146 -4.95 11.72 -7.67
N ASN D 147 -5.95 12.34 -7.05
CA ASN D 147 -5.78 12.87 -5.70
C ASN D 147 -5.97 11.81 -4.62
N ASN D 148 -6.47 10.62 -4.96
CA ASN D 148 -6.71 9.60 -3.95
C ASN D 148 -5.46 9.33 -3.12
N ARG D 149 -5.63 9.25 -1.80
CA ARG D 149 -4.49 9.06 -0.91
C ARG D 149 -3.81 7.73 -1.17
N TRP D 150 -4.58 6.64 -1.30
CA TRP D 150 -4.00 5.32 -1.41
C TRP D 150 -3.47 5.02 -2.80
N LEU D 151 -3.82 5.84 -3.81
CA LEU D 151 -3.25 5.73 -5.14
C LEU D 151 -2.31 6.90 -5.45
N ARG D 152 -1.76 7.54 -4.42
CA ARG D 152 -0.94 8.72 -4.63
C ARG D 152 0.32 8.43 -5.45
N THR D 153 0.76 7.18 -5.50
CA THR D 153 2.05 6.83 -6.10
C THR D 153 1.87 5.83 -7.23
N ILE D 154 0.88 6.03 -8.09
CA ILE D 154 0.67 5.20 -9.26
C ILE D 154 0.49 6.12 -10.47
N SER D 155 1.23 5.86 -11.53
CA SER D 155 1.07 6.61 -12.77
C SER D 155 -0.03 5.96 -13.61
N VAL D 156 -0.54 6.72 -14.57
CA VAL D 156 -1.65 6.30 -15.41
C VAL D 156 -1.28 6.53 -16.87
N ILE D 157 -1.59 5.57 -17.73
CA ILE D 157 -1.44 5.72 -19.17
C ILE D 157 -2.80 6.18 -19.69
N LEU D 158 -2.90 7.47 -19.97
CA LEU D 158 -4.16 8.04 -20.41
C LEU D 158 -4.40 7.76 -21.89
N PHE D 159 -5.61 7.34 -22.22
CA PHE D 159 -6.03 7.11 -23.59
C PHE D 159 -7.12 8.12 -23.96
N LEU D 160 -7.25 8.37 -25.26
CA LEU D 160 -8.29 9.25 -25.79
C LEU D 160 -8.79 8.59 -27.09
N ASN D 161 -9.86 7.81 -26.96
CA ASN D 161 -10.37 7.02 -28.06
C ASN D 161 -11.40 7.82 -28.85
N LYS D 162 -11.77 7.29 -30.02
CA LYS D 162 -12.81 7.86 -30.87
C LYS D 162 -12.36 9.17 -31.51
N GLN D 163 -11.07 9.23 -31.88
CA GLN D 163 -10.56 10.41 -32.57
C GLN D 163 -11.25 10.61 -33.90
N ASP D 164 -11.54 9.53 -34.62
CA ASP D 164 -12.26 9.66 -35.88
C ASP D 164 -13.65 10.24 -35.66
N LEU D 165 -14.35 9.77 -34.62
CA LEU D 165 -15.66 10.32 -34.32
C LEU D 165 -15.56 11.79 -33.95
N LEU D 166 -14.54 12.17 -33.18
CA LEU D 166 -14.34 13.58 -32.86
C LEU D 166 -14.12 14.40 -34.13
N ALA D 167 -13.32 13.89 -35.05
CA ALA D 167 -13.08 14.60 -36.30
C ALA D 167 -14.37 14.77 -37.08
N GLU D 168 -15.18 13.70 -37.17
CA GLU D 168 -16.45 13.79 -37.88
C GLU D 168 -17.36 14.83 -37.24
N LYS D 169 -17.45 14.82 -35.90
CA LYS D 169 -18.30 15.79 -35.22
C LYS D 169 -17.82 17.21 -35.45
N VAL D 170 -16.50 17.43 -35.39
CA VAL D 170 -15.96 18.77 -35.58
C VAL D 170 -16.23 19.25 -36.99
N LEU D 171 -16.01 18.39 -37.99
CA LEU D 171 -16.29 18.78 -39.37
C LEU D 171 -17.77 19.08 -39.57
N ALA D 172 -18.65 18.27 -38.96
CA ALA D 172 -20.08 18.55 -39.06
C ALA D 172 -20.42 19.90 -38.45
N GLY D 173 -19.85 20.22 -37.29
CA GLY D 173 -20.06 21.49 -36.66
C GLY D 173 -21.41 21.69 -36.01
N LYS D 174 -22.23 20.64 -35.91
CA LYS D 174 -23.54 20.79 -35.30
C LYS D 174 -23.42 21.27 -33.86
N SER D 175 -22.55 20.64 -33.08
CA SER D 175 -22.28 21.06 -31.72
C SER D 175 -21.07 22.00 -31.71
N LYS D 176 -20.56 22.32 -30.52
CA LYS D 176 -19.40 23.17 -30.39
C LYS D 176 -18.87 23.06 -28.97
N ILE D 177 -17.54 23.01 -28.84
CA ILE D 177 -16.93 22.86 -27.52
C ILE D 177 -17.24 24.05 -26.64
N GLU D 178 -17.29 25.25 -27.23
CA GLU D 178 -17.51 26.45 -26.45
C GLU D 178 -18.81 26.41 -25.65
N ASP D 179 -19.80 25.64 -26.10
CA ASP D 179 -21.05 25.54 -25.35
C ASP D 179 -20.90 24.78 -24.05
N TYR D 180 -19.78 24.11 -23.84
CA TYR D 180 -19.49 23.43 -22.57
C TYR D 180 -18.30 24.05 -21.85
N PHE D 181 -17.25 24.42 -22.58
CA PHE D 181 -16.02 24.96 -21.99
C PHE D 181 -15.83 26.40 -22.43
N PRO D 182 -16.15 27.38 -21.59
CA PRO D 182 -15.92 28.78 -21.99
C PRO D 182 -14.47 29.09 -22.26
N GLU D 183 -13.54 28.44 -21.55
CA GLU D 183 -12.12 28.72 -21.73
C GLU D 183 -11.62 28.37 -23.12
N PHE D 184 -12.32 27.50 -23.85
CA PHE D 184 -11.90 27.12 -25.19
C PHE D 184 -11.86 28.31 -26.15
N ALA D 185 -12.63 29.36 -25.89
CA ALA D 185 -12.62 30.51 -26.78
C ALA D 185 -11.24 31.18 -26.78
N ARG D 186 -10.47 30.98 -25.72
CA ARG D 186 -9.14 31.57 -25.57
C ARG D 186 -8.06 30.48 -25.50
N TYR D 187 -8.16 29.48 -26.37
CA TYR D 187 -7.17 28.43 -26.46
C TYR D 187 -6.61 28.36 -27.88
N THR D 188 -5.32 28.05 -27.99
CA THR D 188 -4.65 27.94 -29.28
C THR D 188 -3.84 26.65 -29.32
N THR D 189 -3.64 26.15 -30.52
CA THR D 189 -2.89 24.91 -30.68
C THR D 189 -1.49 25.07 -30.11
N PRO D 190 -0.96 24.06 -29.40
CA PRO D 190 0.39 24.18 -28.86
C PRO D 190 1.43 24.17 -29.97
N GLU D 191 2.54 24.84 -29.72
CA GLU D 191 3.62 24.92 -30.70
C GLU D 191 4.28 23.56 -30.95
N ASP D 192 4.16 22.62 -30.03
CA ASP D 192 4.76 21.30 -30.16
C ASP D 192 3.82 20.30 -30.81
N ALA D 193 2.72 20.76 -31.42
CA ALA D 193 1.77 19.85 -32.03
C ALA D 193 2.42 19.08 -33.17
N THR D 194 1.99 17.83 -33.34
CA THR D 194 2.49 16.93 -34.38
C THR D 194 1.30 16.36 -35.13
N PRO D 195 0.64 17.19 -35.94
CA PRO D 195 -0.59 16.75 -36.59
C PRO D 195 -0.36 15.65 -37.61
N GLU D 196 -1.34 14.76 -37.72
CA GLU D 196 -1.29 13.70 -38.71
C GLU D 196 -1.53 14.28 -40.10
N PRO D 197 -1.08 13.59 -41.15
CA PRO D 197 -1.18 14.15 -42.51
C PRO D 197 -2.62 14.52 -42.86
N GLY D 198 -2.83 15.80 -43.16
CA GLY D 198 -4.14 16.30 -43.51
C GLY D 198 -5.01 16.70 -42.33
N GLU D 199 -4.53 16.55 -41.10
CA GLU D 199 -5.33 16.90 -39.94
C GLU D 199 -5.73 18.37 -40.00
N ASP D 200 -7.03 18.62 -39.88
CA ASP D 200 -7.52 19.99 -39.93
C ASP D 200 -7.05 20.76 -38.70
N PRO D 201 -6.74 22.06 -38.85
CA PRO D 201 -6.36 22.84 -37.67
C PRO D 201 -7.41 22.81 -36.58
N ARG D 202 -8.70 22.85 -36.95
CA ARG D 202 -9.76 22.83 -35.95
C ARG D 202 -9.75 21.54 -35.14
N VAL D 203 -9.72 20.39 -35.82
CA VAL D 203 -9.75 19.12 -35.11
C VAL D 203 -8.49 18.95 -34.27
N THR D 204 -7.33 19.34 -34.82
CA THR D 204 -6.10 19.23 -34.03
C THR D 204 -6.16 20.11 -32.80
N ARG D 205 -6.67 21.33 -32.95
CA ARG D 205 -6.80 22.22 -31.80
C ARG D 205 -7.71 21.63 -30.74
N ALA D 206 -8.84 21.06 -31.16
CA ALA D 206 -9.75 20.44 -30.18
C ALA D 206 -9.08 19.27 -29.47
N LYS D 207 -8.40 18.42 -30.23
CA LYS D 207 -7.72 17.27 -29.64
C LYS D 207 -6.71 17.71 -28.59
N TYR D 208 -5.83 18.64 -28.96
CA TYR D 208 -4.80 19.07 -28.01
C TYR D 208 -5.39 19.88 -26.86
N PHE D 209 -6.53 20.55 -27.09
CA PHE D 209 -7.21 21.22 -25.99
C PHE D 209 -7.67 20.22 -24.95
N ILE D 210 -8.33 19.15 -25.40
CA ILE D 210 -8.78 18.12 -24.46
C ILE D 210 -7.59 17.48 -23.77
N ARG D 211 -6.51 17.23 -24.52
CA ARG D 211 -5.32 16.64 -23.92
C ARG D 211 -4.76 17.54 -22.82
N ASP D 212 -4.66 18.84 -23.08
CA ASP D 212 -4.14 19.76 -22.08
C ASP D 212 -5.07 19.86 -20.88
N GLU D 213 -6.38 19.82 -21.13
CA GLU D 213 -7.33 19.86 -20.02
C GLU D 213 -7.14 18.65 -19.11
N PHE D 214 -6.94 17.47 -19.70
CA PHE D 214 -6.59 16.29 -18.91
C PHE D 214 -5.28 16.50 -18.16
N LEU D 215 -4.23 16.94 -18.85
CA LEU D 215 -2.91 16.97 -18.24
C LEU D 215 -2.80 17.99 -17.13
N ARG D 216 -3.63 19.04 -17.18
CA ARG D 216 -3.55 20.09 -16.17
C ARG D 216 -3.83 19.54 -14.78
N ILE D 217 -4.81 18.65 -14.67
CA ILE D 217 -5.15 18.07 -13.37
C ILE D 217 -3.95 17.34 -12.78
N SER D 218 -3.32 16.48 -13.57
CA SER D 218 -2.17 15.73 -13.08
C SER D 218 -1.02 16.65 -12.74
N THR D 219 -0.72 17.62 -13.60
CA THR D 219 0.40 18.52 -13.37
C THR D 219 0.15 19.53 -12.26
N ALA D 220 -1.10 19.67 -11.80
CA ALA D 220 -1.41 20.63 -10.75
C ALA D 220 -0.52 20.43 -9.54
N SER D 221 -0.62 19.28 -8.88
CA SER D 221 0.22 18.99 -7.72
C SER D 221 0.35 17.47 -7.59
N GLY D 222 1.53 16.96 -7.90
CA GLY D 222 1.81 15.54 -7.75
C GLY D 222 3.11 15.28 -7.00
N ASP D 223 3.97 16.29 -6.93
CA ASP D 223 5.28 16.21 -6.28
C ASP D 223 6.24 15.31 -7.04
N GLY D 224 5.96 14.99 -8.30
CA GLY D 224 6.84 14.15 -9.08
C GLY D 224 6.77 12.67 -8.77
N ARG D 225 5.84 12.25 -7.92
CA ARG D 225 5.77 10.84 -7.55
C ARG D 225 5.20 9.99 -8.68
N HIS D 226 4.37 10.56 -9.54
CA HIS D 226 3.74 9.81 -10.61
C HIS D 226 3.36 10.79 -11.72
N TYR D 227 3.15 10.24 -12.91
CA TYR D 227 2.92 11.04 -14.10
C TYR D 227 1.89 10.33 -14.99
N CYS D 228 1.59 10.96 -16.14
CA CYS D 228 0.65 10.42 -17.10
C CYS D 228 1.30 10.38 -18.49
N TYR D 229 0.78 9.49 -19.33
CA TYR D 229 1.28 9.28 -20.69
C TYR D 229 0.11 9.39 -21.65
N PRO D 230 -0.27 10.61 -22.04
CA PRO D 230 -1.40 10.77 -22.96
C PRO D 230 -1.11 10.18 -24.32
N HIS D 231 -2.18 9.74 -25.00
CA HIS D 231 -2.08 9.14 -26.32
C HIS D 231 -3.29 9.58 -27.14
N PHE D 232 -3.26 9.21 -28.42
CA PHE D 232 -4.35 9.48 -29.35
C PHE D 232 -4.60 8.19 -30.15
N THR D 233 -5.62 7.44 -29.76
CA THR D 233 -5.91 6.13 -30.32
C THR D 233 -7.28 6.12 -30.99
N CYS D 234 -7.65 4.97 -31.53
CA CYS D 234 -8.94 4.78 -32.18
C CYS D 234 -9.38 3.34 -32.00
N ALA D 235 -10.66 3.09 -32.26
CA ALA D 235 -11.18 1.73 -32.16
C ALA D 235 -10.47 0.78 -33.13
N VAL D 236 -9.92 1.33 -34.22
CA VAL D 236 -9.22 0.49 -35.20
C VAL D 236 -7.74 0.35 -34.91
N ASP D 237 -7.21 1.06 -33.90
CA ASP D 237 -5.80 0.94 -33.58
C ASP D 237 -5.46 -0.47 -33.15
N THR D 238 -4.31 -0.97 -33.61
CA THR D 238 -3.82 -2.29 -33.25
C THR D 238 -2.47 -2.25 -32.57
N GLU D 239 -1.86 -1.07 -32.43
CA GLU D 239 -0.54 -0.92 -31.83
C GLU D 239 -0.61 -0.45 -30.38
N ASN D 240 -1.79 -0.51 -29.76
CA ASN D 240 -1.90 -0.07 -28.37
C ASN D 240 -0.97 -0.87 -27.47
N ALA D 241 -0.82 -2.17 -27.74
CA ALA D 241 0.06 -3.00 -26.93
C ALA D 241 1.48 -2.46 -26.94
N ARG D 242 1.98 -2.05 -28.10
CA ARG D 242 3.32 -1.48 -28.16
C ARG D 242 3.42 -0.22 -27.31
N ARG D 243 2.39 0.63 -27.36
CA ARG D 243 2.41 1.87 -26.60
C ARG D 243 2.45 1.59 -25.10
N ILE D 244 1.60 0.68 -24.62
CA ILE D 244 1.60 0.40 -23.19
C ILE D 244 2.91 -0.28 -22.80
N PHE D 245 3.48 -1.13 -23.67
CA PHE D 245 4.77 -1.74 -23.37
C PHE D 245 5.83 -0.67 -23.16
N ASN D 246 5.93 0.28 -24.10
CA ASN D 246 6.90 1.36 -23.96
C ASN D 246 6.65 2.15 -22.69
N ASP D 247 5.38 2.46 -22.39
CA ASP D 247 5.07 3.27 -21.23
C ASP D 247 5.46 2.56 -19.93
N CYS D 248 5.15 1.27 -19.82
CA CYS D 248 5.48 0.55 -18.59
C CYS D 248 6.99 0.42 -18.44
N ARG D 249 7.70 0.17 -19.55
CA ARG D 249 9.15 0.15 -19.49
C ARG D 249 9.69 1.49 -18.98
N ASP D 250 9.16 2.60 -19.51
CA ASP D 250 9.64 3.90 -19.09
C ASP D 250 9.38 4.14 -17.61
N ILE D 251 8.18 3.80 -17.12
CA ILE D 251 7.86 4.07 -15.72
C ILE D 251 8.70 3.20 -14.79
N ILE D 252 8.90 1.94 -15.16
CA ILE D 252 9.71 1.07 -14.30
C ILE D 252 11.15 1.56 -14.27
N GLN D 253 11.67 2.01 -15.43
CA GLN D 253 13.00 2.60 -15.45
C GLN D 253 13.06 3.84 -14.58
N ARG D 254 12.01 4.67 -14.61
CA ARG D 254 11.99 5.86 -13.77
C ARG D 254 11.98 5.50 -12.29
N MET D 255 11.25 4.44 -11.92
CA MET D 255 11.27 3.99 -10.53
C MET D 255 12.66 3.49 -10.13
N HIS D 256 13.29 2.72 -11.01
CA HIS D 256 14.65 2.25 -10.72
C HIS D 256 15.63 3.41 -10.60
N LEU D 257 15.40 4.49 -11.33
CA LEU D 257 16.26 5.66 -11.19
C LEU D 257 15.94 6.45 -9.93
N ARG D 258 14.66 6.54 -9.56
CA ARG D 258 14.29 7.21 -8.33
C ARG D 258 14.95 6.53 -7.13
N GLN D 259 14.91 5.20 -7.10
CA GLN D 259 15.83 4.49 -6.23
C GLN D 259 17.24 4.63 -6.80
N TYR D 260 18.22 4.68 -5.91
CA TYR D 260 19.61 5.07 -6.19
C TYR D 260 19.73 6.59 -6.22
N GLU D 261 18.64 7.32 -6.01
CA GLU D 261 18.69 8.79 -5.89
C GLU D 261 19.33 9.42 -7.13
N LEU D 262 18.92 8.94 -8.31
CA LEU D 262 19.40 9.50 -9.57
C LEU D 262 20.92 9.36 -9.69
N GLN E 23 -27.95 9.95 12.11
CA GLN E 23 -27.46 11.15 12.85
C GLN E 23 -27.02 12.23 11.87
N VAL E 24 -26.51 11.81 10.72
CA VAL E 24 -26.10 12.74 9.68
C VAL E 24 -27.36 13.22 8.97
N GLN E 25 -27.60 14.53 9.02
CA GLN E 25 -28.76 15.14 8.35
C GLN E 25 -28.29 16.34 7.55
N LEU E 26 -28.79 16.47 6.33
CA LEU E 26 -28.48 17.59 5.45
C LEU E 26 -29.79 18.08 4.83
N GLN E 27 -30.34 19.15 5.37
CA GLN E 27 -31.57 19.75 4.88
C GLN E 27 -31.24 20.93 3.98
N GLU E 28 -31.83 20.95 2.79
CA GLU E 28 -31.59 22.01 1.81
C GLU E 28 -32.87 22.82 1.67
N SER E 29 -32.84 24.05 2.19
CA SER E 29 -33.98 24.95 2.10
C SER E 29 -33.83 25.85 0.87
N GLY E 30 -34.69 26.86 0.77
CA GLY E 30 -34.62 27.79 -0.34
C GLY E 30 -35.16 27.20 -1.64
N GLY E 31 -34.99 27.96 -2.70
CA GLY E 31 -35.47 27.56 -4.02
C GLY E 31 -36.92 27.94 -4.24
N GLY E 32 -37.31 27.94 -5.51
CA GLY E 32 -38.66 28.27 -5.87
C GLY E 32 -38.75 28.66 -7.33
N LEU E 33 -39.96 29.02 -7.74
CA LEU E 33 -40.20 29.42 -9.13
C LEU E 33 -39.68 30.83 -9.36
N VAL E 34 -38.87 31.00 -10.41
CA VAL E 34 -38.29 32.29 -10.75
C VAL E 34 -38.28 32.43 -12.26
N GLN E 35 -38.50 33.66 -12.73
CA GLN E 35 -38.44 33.94 -14.15
C GLN E 35 -37.00 33.76 -14.65
N PRO E 36 -36.82 33.44 -15.93
CA PRO E 36 -35.46 33.32 -16.47
C PRO E 36 -34.67 34.60 -16.24
N GLY E 37 -33.39 34.43 -15.87
CA GLY E 37 -32.51 35.55 -15.61
C GLY E 37 -32.60 36.14 -14.23
N GLY E 38 -33.47 35.61 -13.37
CA GLY E 38 -33.61 36.13 -12.02
C GLY E 38 -32.55 35.60 -11.07
N SER E 39 -32.60 36.12 -9.84
CA SER E 39 -31.67 35.72 -8.81
C SER E 39 -32.31 34.66 -7.91
N LEU E 40 -31.53 34.14 -6.97
CA LEU E 40 -32.00 33.11 -6.04
C LEU E 40 -30.92 32.93 -4.98
N ARG E 41 -31.18 32.00 -4.07
CA ARG E 41 -30.19 31.61 -3.07
C ARG E 41 -30.61 30.27 -2.48
N LEU E 42 -29.63 29.40 -2.25
CA LEU E 42 -29.87 28.06 -1.72
C LEU E 42 -28.99 27.84 -0.50
N SER E 43 -29.52 27.11 0.48
CA SER E 43 -28.81 26.79 1.70
C SER E 43 -28.96 25.31 1.99
N CYS E 44 -27.96 24.75 2.67
CA CYS E 44 -27.92 23.33 3.02
C CYS E 44 -27.62 23.23 4.52
N ALA E 45 -28.66 23.13 5.33
CA ALA E 45 -28.47 22.96 6.77
C ALA E 45 -27.97 21.55 7.06
N ALA E 46 -26.89 21.47 7.85
CA ALA E 46 -26.27 20.18 8.17
C ALA E 46 -26.10 20.07 9.68
N SER E 47 -26.13 18.83 10.17
CA SER E 47 -25.91 18.56 11.59
C SER E 47 -25.51 17.11 11.76
N GLY E 48 -24.98 16.80 12.94
CA GLY E 48 -24.56 15.46 13.27
C GLY E 48 -23.11 15.15 13.07
N PHE E 49 -22.31 16.13 12.62
CA PHE E 49 -20.89 15.92 12.41
C PHE E 49 -20.20 17.28 12.44
N THR E 50 -18.88 17.24 12.64
CA THR E 50 -18.08 18.47 12.59
C THR E 50 -18.04 18.97 11.16
N PHE E 51 -18.79 20.05 10.91
CA PHE E 51 -18.97 20.53 9.54
C PHE E 51 -17.66 20.95 8.91
N SER E 52 -16.73 21.46 9.71
CA SER E 52 -15.51 22.06 9.19
C SER E 52 -14.46 21.03 8.77
N ASN E 53 -14.73 19.74 8.94
CA ASN E 53 -13.76 18.70 8.61
C ASN E 53 -14.13 17.92 7.37
N TYR E 54 -14.94 18.51 6.47
CA TYR E 54 -15.40 17.81 5.28
C TYR E 54 -15.48 18.78 4.11
N LYS E 55 -15.38 18.23 2.91
CA LYS E 55 -15.43 19.00 1.67
C LYS E 55 -16.81 18.85 1.05
N MET E 56 -17.51 19.97 0.89
CA MET E 56 -18.89 19.99 0.44
C MET E 56 -18.97 20.15 -1.08
N ASN E 57 -20.03 19.57 -1.66
CA ASN E 57 -20.30 19.69 -3.08
C ASN E 57 -21.80 19.88 -3.29
N TRP E 58 -22.14 20.55 -4.39
CA TRP E 58 -23.51 20.62 -4.89
C TRP E 58 -23.61 19.78 -6.15
N VAL E 59 -24.66 18.97 -6.24
CA VAL E 59 -24.85 18.06 -7.36
C VAL E 59 -26.31 18.14 -7.79
N ARG E 60 -26.54 18.17 -9.10
CA ARG E 60 -27.88 18.32 -9.65
C ARG E 60 -28.16 17.21 -10.65
N GLN E 61 -29.45 16.88 -10.78
CA GLN E 61 -29.92 15.84 -11.69
C GLN E 61 -31.03 16.43 -12.54
N ALA E 62 -30.74 16.68 -13.82
CA ALA E 62 -31.75 17.18 -14.72
C ALA E 62 -32.83 16.12 -14.94
N PRO E 63 -34.09 16.53 -15.06
CA PRO E 63 -35.15 15.54 -15.33
C PRO E 63 -34.84 14.74 -16.60
N GLY E 64 -35.12 13.44 -16.53
CA GLY E 64 -34.77 12.55 -17.63
C GLY E 64 -33.28 12.44 -17.85
N LYS E 65 -32.52 12.37 -16.77
CA LYS E 65 -31.06 12.26 -16.86
C LYS E 65 -30.53 11.86 -15.49
N GLY E 66 -29.24 11.54 -15.46
CA GLY E 66 -28.56 11.18 -14.23
C GLY E 66 -28.04 12.39 -13.48
N LEU E 67 -27.26 12.12 -12.44
CA LEU E 67 -26.67 13.18 -11.63
C LEU E 67 -25.46 13.77 -12.35
N GLU E 68 -24.94 14.87 -11.78
CA GLU E 68 -23.77 15.53 -12.36
C GLU E 68 -23.24 16.54 -11.36
N TRP E 69 -21.92 16.70 -11.34
CA TRP E 69 -21.28 17.64 -10.44
C TRP E 69 -21.58 19.08 -10.86
N VAL E 70 -21.61 19.97 -9.87
CA VAL E 70 -21.83 21.39 -10.12
C VAL E 70 -20.66 22.19 -9.57
N SER E 71 -20.43 22.12 -8.27
CA SER E 71 -19.42 22.94 -7.61
C SER E 71 -18.84 22.16 -6.45
N ASP E 72 -18.05 22.85 -5.63
CA ASP E 72 -17.39 22.26 -4.47
C ASP E 72 -16.76 23.40 -3.68
N ILE E 73 -16.12 23.06 -2.56
CA ILE E 73 -15.39 24.05 -1.77
C ILE E 73 -14.46 23.34 -0.80
N SER E 74 -13.34 23.97 -0.49
CA SER E 74 -12.34 23.35 0.37
C SER E 74 -12.72 23.53 1.84
N GLN E 75 -11.79 23.19 2.72
CA GLN E 75 -12.06 23.19 4.15
C GLN E 75 -12.47 24.58 4.63
N SER E 76 -11.57 25.55 4.51
CA SER E 76 -11.81 26.90 4.99
C SER E 76 -12.38 27.82 3.92
N GLY E 77 -12.67 27.30 2.73
CA GLY E 77 -13.19 28.12 1.65
C GLY E 77 -12.16 28.71 0.74
N ALA E 78 -10.93 28.19 0.75
CA ALA E 78 -9.88 28.73 -0.11
C ALA E 78 -10.06 28.25 -1.55
N SER E 79 -10.11 26.94 -1.75
CA SER E 79 -10.25 26.37 -3.08
C SER E 79 -11.72 26.29 -3.48
N ILE E 80 -12.02 26.72 -4.71
CA ILE E 80 -13.36 26.62 -5.27
C ILE E 80 -13.25 26.08 -6.68
N SER E 81 -14.34 25.51 -7.17
CA SER E 81 -14.41 25.00 -8.53
C SER E 81 -15.84 25.03 -9.02
N TYR E 82 -16.02 24.90 -10.33
CA TYR E 82 -17.34 24.95 -10.94
C TYR E 82 -17.33 24.08 -12.19
N THR E 83 -18.53 23.69 -12.61
CA THR E 83 -18.68 23.02 -13.90
C THR E 83 -18.64 24.05 -15.02
N GLY E 84 -18.62 23.54 -16.26
CA GLY E 84 -18.48 24.42 -17.40
C GLY E 84 -19.64 25.37 -17.57
N SER E 85 -20.87 24.84 -17.53
CA SER E 85 -22.04 25.65 -17.88
C SER E 85 -22.35 26.74 -16.85
N VAL E 86 -21.80 26.64 -15.64
CA VAL E 86 -22.06 27.62 -14.59
C VAL E 86 -20.87 28.52 -14.33
N LYS E 87 -19.82 28.44 -15.14
CA LYS E 87 -18.64 29.25 -14.93
C LYS E 87 -19.00 30.73 -14.89
N GLY E 88 -18.81 31.37 -13.73
CA GLY E 88 -19.04 32.78 -13.57
C GLY E 88 -20.46 33.17 -13.22
N ARG E 89 -21.40 32.22 -13.18
CA ARG E 89 -22.79 32.54 -12.88
C ARG E 89 -23.25 32.09 -11.50
N PHE E 90 -22.50 31.24 -10.82
CA PHE E 90 -22.87 30.72 -9.50
C PHE E 90 -21.76 31.00 -8.51
N THR E 91 -22.15 31.28 -7.27
CA THR E 91 -21.22 31.53 -6.18
C THR E 91 -21.53 30.59 -5.02
N ILE E 92 -20.50 29.92 -4.51
CA ILE E 92 -20.60 29.04 -3.36
C ILE E 92 -19.96 29.74 -2.17
N SER E 93 -20.68 29.77 -1.05
CA SER E 93 -20.21 30.40 0.17
C SER E 93 -20.42 29.46 1.34
N ARG E 94 -19.41 29.38 2.21
CA ARG E 94 -19.42 28.48 3.35
C ARG E 94 -19.25 29.29 4.63
N ASP E 95 -19.84 28.79 5.71
CA ASP E 95 -19.73 29.42 7.03
C ASP E 95 -19.64 28.29 8.07
N ASN E 96 -18.43 28.05 8.57
CA ASN E 96 -18.24 26.99 9.54
C ASN E 96 -18.74 27.37 10.93
N ALA E 97 -18.66 28.65 11.28
CA ALA E 97 -19.08 29.11 12.60
C ALA E 97 -20.58 28.95 12.84
N LYS E 98 -21.35 28.53 11.84
CA LYS E 98 -22.78 28.32 12.02
C LYS E 98 -23.26 26.98 11.47
N ASN E 99 -22.39 26.20 10.83
CA ASN E 99 -22.77 24.89 10.31
C ASN E 99 -23.78 25.02 9.16
N THR E 100 -23.49 25.94 8.24
CA THR E 100 -24.35 26.18 7.09
C THR E 100 -23.50 26.42 5.85
N LEU E 101 -24.10 26.17 4.68
CA LEU E 101 -23.41 26.31 3.40
C LEU E 101 -24.40 26.86 2.38
N TYR E 102 -24.04 27.96 1.73
CA TYR E 102 -24.88 28.62 0.75
C TYR E 102 -24.29 28.47 -0.64
N LEU E 103 -25.16 28.57 -1.65
CA LEU E 103 -24.73 28.63 -3.05
C LEU E 103 -25.60 29.69 -3.73
N GLN E 104 -25.04 30.89 -3.88
CA GLN E 104 -25.77 31.98 -4.51
C GLN E 104 -25.88 31.73 -6.02
N MET E 105 -27.09 31.88 -6.55
CA MET E 105 -27.37 31.67 -7.96
C MET E 105 -27.87 32.98 -8.57
N ASN E 106 -27.27 33.36 -9.70
CA ASN E 106 -27.66 34.58 -10.40
C ASN E 106 -27.70 34.30 -11.90
N SER E 107 -28.68 34.90 -12.57
CA SER E 107 -28.81 34.80 -14.02
C SER E 107 -28.93 33.35 -14.46
N LEU E 108 -30.02 32.70 -14.05
CA LEU E 108 -30.24 31.31 -14.42
C LEU E 108 -31.04 31.22 -15.73
N LYS E 109 -30.74 30.19 -16.51
CA LYS E 109 -31.31 29.98 -17.83
C LYS E 109 -32.37 28.88 -17.77
N PRO E 110 -33.13 28.69 -18.86
CA PRO E 110 -34.23 27.70 -18.80
C PRO E 110 -33.78 26.30 -18.45
N GLU E 111 -32.62 25.85 -18.96
CA GLU E 111 -32.14 24.50 -18.72
C GLU E 111 -31.49 24.34 -17.35
N ASP E 112 -31.63 25.32 -16.46
CA ASP E 112 -31.12 25.20 -15.09
C ASP E 112 -32.05 24.42 -14.17
N THR E 113 -33.27 24.13 -14.61
CA THR E 113 -34.22 23.42 -13.77
C THR E 113 -33.74 21.99 -13.52
N ALA E 114 -33.63 21.61 -12.25
CA ALA E 114 -33.22 20.27 -11.88
C ALA E 114 -33.26 20.16 -10.36
N VAL E 115 -33.33 18.92 -9.88
CA VAL E 115 -33.22 18.67 -8.45
C VAL E 115 -31.79 18.94 -8.01
N TYR E 116 -31.64 19.71 -6.94
CA TYR E 116 -30.32 20.07 -6.43
C TYR E 116 -30.10 19.39 -5.08
N TYR E 117 -28.89 18.87 -4.88
CA TYR E 117 -28.53 18.16 -3.66
C TYR E 117 -27.28 18.78 -3.05
N CYS E 118 -27.10 18.55 -1.76
CA CYS E 118 -25.95 19.01 -0.99
C CYS E 118 -25.22 17.77 -0.47
N ALA E 119 -24.18 17.36 -1.18
CA ALA E 119 -23.50 16.09 -0.93
C ALA E 119 -22.18 16.34 -0.22
N ARG E 120 -21.90 15.53 0.80
CA ARG E 120 -20.63 15.55 1.52
C ARG E 120 -19.95 14.20 1.33
N CYS E 121 -18.70 14.22 0.85
CA CYS E 121 -18.03 12.93 0.81
C CYS E 121 -17.39 12.59 2.16
N PRO E 122 -17.18 11.29 2.43
CA PRO E 122 -17.00 10.86 3.82
C PRO E 122 -15.65 11.22 4.44
N ALA E 123 -14.57 11.06 3.69
CA ALA E 123 -13.24 11.18 4.28
C ALA E 123 -12.98 12.61 4.75
N PRO E 124 -12.72 12.84 6.02
CA PRO E 124 -12.31 14.18 6.46
C PRO E 124 -10.83 14.44 6.21
N PHE E 125 -10.51 15.74 6.07
CA PHE E 125 -9.13 16.17 5.89
C PHE E 125 -8.52 15.61 4.60
N THR E 126 -9.37 15.37 3.60
CA THR E 126 -8.91 14.97 2.28
C THR E 126 -9.79 15.64 1.25
N ARG E 127 -9.23 15.86 0.06
CA ARG E 127 -9.98 16.40 -1.07
C ARG E 127 -9.87 15.39 -2.21
N ASP E 128 -10.69 14.34 -2.14
CA ASP E 128 -10.83 13.34 -3.19
C ASP E 128 -12.00 12.45 -2.84
N CYS E 129 -12.94 12.27 -3.77
CA CYS E 129 -14.11 11.48 -3.41
C CYS E 129 -15.02 11.27 -4.60
N PHE E 130 -15.86 10.25 -4.49
CA PHE E 130 -16.84 9.86 -5.50
C PHE E 130 -18.21 9.95 -4.84
N ASP E 131 -18.96 11.03 -5.12
CA ASP E 131 -20.21 11.29 -4.43
C ASP E 131 -21.36 11.61 -5.38
N VAL E 132 -21.26 11.21 -6.65
CA VAL E 132 -22.35 11.40 -7.60
C VAL E 132 -22.93 10.04 -7.96
N THR E 133 -22.90 9.11 -7.00
CA THR E 133 -23.39 7.76 -7.24
C THR E 133 -24.78 7.79 -7.86
N SER E 134 -25.10 6.74 -8.61
CA SER E 134 -26.37 6.68 -9.32
C SER E 134 -27.51 6.33 -8.37
N THR E 135 -28.04 7.35 -7.68
CA THR E 135 -29.18 7.17 -6.78
C THR E 135 -28.89 6.12 -5.71
N THR E 136 -27.65 6.13 -5.20
CA THR E 136 -27.26 5.19 -4.15
C THR E 136 -26.45 5.82 -3.04
N TYR E 137 -26.00 7.07 -3.17
CA TYR E 137 -25.15 7.67 -2.16
C TYR E 137 -25.95 7.86 -0.86
N ALA E 138 -25.22 7.80 0.26
CA ALA E 138 -25.84 7.75 1.58
C ALA E 138 -25.91 9.10 2.29
N TYR E 139 -24.87 9.92 2.18
CA TYR E 139 -24.80 11.19 2.89
C TYR E 139 -25.21 12.36 2.00
N ARG E 140 -26.20 12.16 1.14
CA ARG E 140 -26.69 13.18 0.22
C ARG E 140 -28.02 13.72 0.71
N GLY E 141 -28.15 15.04 0.73
CA GLY E 141 -29.42 15.66 1.07
C GLY E 141 -30.54 15.11 0.21
N GLN E 142 -31.78 15.35 0.69
CA GLN E 142 -32.93 14.79 0.00
C GLN E 142 -33.23 15.53 -1.30
N GLY E 143 -33.10 16.84 -1.30
CA GLY E 143 -33.24 17.61 -2.52
C GLY E 143 -33.93 18.94 -2.27
N THR E 144 -33.91 19.78 -3.30
CA THR E 144 -34.56 21.09 -3.26
C THR E 144 -34.91 21.45 -4.69
N GLN E 145 -36.18 21.31 -5.05
CA GLN E 145 -36.61 21.52 -6.43
C GLN E 145 -36.60 23.01 -6.77
N VAL E 146 -36.01 23.33 -7.92
CA VAL E 146 -36.02 24.69 -8.46
C VAL E 146 -36.34 24.60 -9.95
N THR E 147 -37.29 25.40 -10.41
CA THR E 147 -37.71 25.39 -11.80
C THR E 147 -37.82 26.82 -12.32
N VAL E 148 -37.54 26.99 -13.60
CA VAL E 148 -37.62 28.29 -14.27
C VAL E 148 -38.79 28.23 -15.25
N SER E 149 -39.64 29.25 -15.21
CA SER E 149 -40.82 29.29 -16.06
C SER E 149 -41.13 30.73 -16.44
N SER E 150 -41.86 30.88 -17.53
CA SER E 150 -42.27 32.21 -18.00
C SER E 150 -43.41 32.75 -17.15
O5' ADN F . 48.10 -2.32 -3.88
C5' ADN F . 47.04 -3.19 -3.48
C4' ADN F . 47.41 -3.99 -2.25
O4' ADN F . 48.72 -4.57 -2.44
C3' ADN F . 47.51 -3.17 -0.97
O3' ADN F . 47.31 -4.04 0.15
C2' ADN F . 48.95 -2.70 -0.99
O2' ADN F . 49.48 -2.39 0.27
C1' ADN F . 49.67 -3.90 -1.63
N9 ADN F . 50.79 -3.52 -2.50
C8 ADN F . 50.84 -3.56 -3.86
N7 ADN F . 51.98 -3.16 -4.38
C5 ADN F . 52.73 -2.82 -3.26
C6 ADN F . 54.04 -2.32 -3.12
N6 ADN F . 54.86 -2.06 -4.16
N1 ADN F . 54.50 -2.10 -1.87
C2 ADN F . 53.69 -2.36 -0.84
N3 ADN F . 52.44 -2.83 -0.85
C4 ADN F . 52.02 -3.04 -2.10
#